data_4DKP
#
_entry.id   4DKP
#
_cell.length_a   64.666
_cell.length_b   68.483
_cell.length_c   94.747
_cell.angle_alpha   90.00
_cell.angle_beta   91.60
_cell.angle_gamma   90.00
#
_symmetry.space_group_name_H-M   'P 1 21 1'
#
loop_
_entity.id
_entity.type
_entity.pdbx_description
1 polymer 'clade A/E 93TH057 HIV-1 gp120 core'
2 non-polymer 2-acetamido-2-deoxy-beta-D-glucopyranose
3 non-polymer '4-(2-HYDROXYETHYL)-1-PIPERAZINE ETHANESULFONIC ACID'
4 non-polymer "N-[(1S,2S)-2-amino-2,3-dihydro-1H-inden-1-yl]-N'-(4-chloro-3-fluorophenyl)ethanediamide"
5 water water
#
_entity_poly.entity_id   1
_entity_poly.type   'polypeptide(L)'
_entity_poly.pdbx_seq_one_letter_code
;VWKDADTTLFCASDAKAHETEVHNVWATHACVPTDPNPQEIHLENVTENFNMWKNNMVEQMQEDVISLWDQSLQPCVKLT
GGSVIKQACPKISFDPIPIHYCTPAGYVILKCNDKNFNGTGPCKNVSSVQCTHGIKPVVSTQLLLNGSLAEEEIIIRSEN
LTNNAKTIIVHLNKSVEINCTRPSNGGSGSGGDIRKAYCEINGTKWNKVLKQVTEKLKEHFNNKTIIFQPPSGGDLEITM
HSFNCRGEFFYCNTTQLFNNTCIGNETMKGCNGTITLPCKIKQIINMWQGTGQAMYAPPIDGKINCVSNITGILLTRDGG
ANNTSNETFRPGGGNIKDNWRSELYKYKVVQIE
;
_entity_poly.pdbx_strand_id   A,C
#
# COMPACT_ATOMS: atom_id res chain seq x y z
N VAL A 1 8.33 -19.12 -32.43
CA VAL A 1 9.35 -18.16 -32.04
C VAL A 1 8.95 -16.74 -32.44
N TRP A 2 8.98 -15.82 -31.49
CA TRP A 2 8.57 -14.44 -31.74
C TRP A 2 9.48 -13.44 -31.03
N LYS A 3 9.22 -12.15 -31.26
CA LYS A 3 9.95 -11.09 -30.59
C LYS A 3 9.08 -9.84 -30.51
N ASP A 4 9.33 -9.00 -29.52
CA ASP A 4 8.59 -7.75 -29.37
C ASP A 4 8.76 -6.87 -30.60
N ALA A 5 7.66 -6.28 -31.06
CA ALA A 5 7.68 -5.43 -32.25
C ALA A 5 6.48 -4.51 -32.30
N ASP A 6 6.58 -3.45 -33.09
CA ASP A 6 5.47 -2.56 -33.33
C ASP A 6 5.04 -2.70 -34.79
N THR A 7 3.75 -2.58 -35.04
CA THR A 7 3.24 -2.63 -36.40
C THR A 7 1.93 -1.86 -36.54
N THR A 8 1.50 -1.65 -37.77
CA THR A 8 0.24 -0.97 -38.03
C THR A 8 -0.94 -1.86 -37.69
N LEU A 9 -1.67 -1.49 -36.64
CA LEU A 9 -2.84 -2.25 -36.23
C LEU A 9 -4.07 -1.80 -37.01
N PHE A 10 -5.07 -2.67 -37.09
CA PHE A 10 -6.38 -2.27 -37.60
C PHE A 10 -7.45 -2.49 -36.53
N CYS A 11 -8.63 -1.94 -36.75
CA CYS A 11 -9.68 -2.06 -35.75
C CYS A 11 -10.90 -2.84 -36.24
N ALA A 12 -11.63 -3.42 -35.30
CA ALA A 12 -12.87 -4.13 -35.58
C ALA A 12 -13.95 -3.68 -34.61
N SER A 13 -15.19 -3.70 -35.07
CA SER A 13 -16.32 -3.30 -34.22
C SER A 13 -17.64 -3.88 -34.72
N ASP A 14 -18.69 -3.71 -33.92
CA ASP A 14 -20.03 -4.16 -34.31
C ASP A 14 -20.91 -2.97 -34.65
N ALA A 15 -20.29 -1.92 -35.19
CA ALA A 15 -21.00 -0.70 -35.55
C ALA A 15 -22.08 -0.93 -36.61
N LYS A 16 -23.15 -0.16 -36.52
CA LYS A 16 -24.24 -0.23 -37.49
C LYS A 16 -24.09 0.86 -38.55
N ALA A 17 -24.20 0.47 -39.81
CA ALA A 17 -24.05 1.42 -40.92
C ALA A 17 -25.20 2.40 -41.01
N HIS A 18 -26.33 2.06 -40.40
CA HIS A 18 -27.52 2.89 -40.47
C HIS A 18 -27.68 3.81 -39.25
N GLU A 19 -26.68 3.80 -38.36
CA GLU A 19 -26.71 4.67 -37.19
C GLU A 19 -26.13 6.05 -37.50
N THR A 20 -26.70 7.08 -36.89
CA THR A 20 -26.17 8.43 -37.02
C THR A 20 -25.23 8.76 -35.87
N GLU A 21 -25.20 7.88 -34.87
CA GLU A 21 -24.29 8.05 -33.74
C GLU A 21 -22.85 8.07 -34.25
N VAL A 22 -22.05 9.00 -33.73
CA VAL A 22 -20.76 9.32 -34.31
C VAL A 22 -19.69 8.22 -34.22
N HIS A 23 -19.68 7.47 -33.13
CA HIS A 23 -18.75 6.36 -33.00
C HIS A 23 -19.08 5.28 -34.02
N ASN A 24 -20.37 5.03 -34.22
CA ASN A 24 -20.84 4.10 -35.24
C ASN A 24 -20.43 4.53 -36.63
N VAL A 25 -20.60 5.82 -36.92
CA VAL A 25 -20.24 6.37 -38.22
C VAL A 25 -18.73 6.23 -38.48
N TRP A 26 -17.93 6.56 -37.47
CA TRP A 26 -16.48 6.45 -37.59
C TRP A 26 -16.04 5.00 -37.82
N ALA A 27 -16.54 4.10 -36.98
CA ALA A 27 -16.15 2.70 -37.04
C ALA A 27 -16.63 2.01 -38.32
N THR A 28 -17.75 2.47 -38.86
CA THR A 28 -18.29 1.92 -40.11
C THR A 28 -17.30 2.12 -41.25
N HIS A 29 -16.58 3.23 -41.22
CA HIS A 29 -15.68 3.57 -42.31
C HIS A 29 -14.20 3.34 -41.95
N ALA A 30 -13.92 3.09 -40.68
CA ALA A 30 -12.54 2.93 -40.22
C ALA A 30 -12.23 1.53 -39.68
N CYS A 31 -13.27 0.72 -39.47
CA CYS A 31 -13.08 -0.62 -38.91
C CYS A 31 -13.77 -1.70 -39.74
N VAL A 32 -13.37 -2.95 -39.52
CA VAL A 32 -14.02 -4.11 -40.14
C VAL A 32 -14.95 -4.76 -39.11
N PRO A 33 -15.88 -5.61 -39.56
CA PRO A 33 -16.70 -6.36 -38.60
C PRO A 33 -15.87 -7.26 -37.71
N THR A 34 -16.36 -7.54 -36.51
CA THR A 34 -15.65 -8.41 -35.57
C THR A 34 -15.70 -9.87 -36.01
N ASP A 35 -14.77 -10.66 -35.51
CA ASP A 35 -14.75 -12.09 -35.78
C ASP A 35 -15.79 -12.77 -34.88
N PRO A 36 -16.76 -13.45 -35.49
CA PRO A 36 -17.83 -14.13 -34.75
C PRO A 36 -17.29 -15.29 -33.91
N ASN A 37 -16.22 -15.93 -34.37
CA ASN A 37 -15.63 -17.04 -33.63
C ASN A 37 -14.13 -16.85 -33.44
N PRO A 38 -13.74 -15.95 -32.52
CA PRO A 38 -12.33 -15.65 -32.28
C PRO A 38 -11.59 -16.82 -31.62
N GLN A 39 -10.32 -16.98 -31.97
CA GLN A 39 -9.52 -18.06 -31.42
C GLN A 39 -8.48 -17.54 -30.43
N GLU A 40 -8.28 -18.30 -29.36
CA GLU A 40 -7.30 -17.94 -28.34
C GLU A 40 -6.46 -19.16 -28.00
N ILE A 41 -5.14 -19.02 -28.09
CA ILE A 41 -4.24 -20.12 -27.81
C ILE A 41 -3.48 -19.87 -26.51
N HIS A 42 -3.78 -20.69 -25.50
CA HIS A 42 -3.09 -20.58 -24.21
C HIS A 42 -1.72 -21.23 -24.27
N LEU A 43 -0.68 -20.42 -24.09
CA LEU A 43 0.69 -20.90 -24.20
C LEU A 43 1.13 -21.64 -22.94
N GLU A 44 1.95 -22.66 -23.11
CA GLU A 44 2.37 -23.51 -21.99
C GLU A 44 3.81 -23.23 -21.60
N ASN A 45 4.02 -22.99 -20.31
CA ASN A 45 5.35 -22.76 -19.75
C ASN A 45 6.14 -21.65 -20.45
N VAL A 46 5.49 -20.50 -20.65
CA VAL A 46 6.17 -19.35 -21.23
C VAL A 46 6.22 -18.19 -20.24
N THR A 47 7.28 -17.40 -20.32
CA THR A 47 7.41 -16.21 -19.49
C THR A 47 7.65 -15.00 -20.39
N GLU A 48 6.69 -14.08 -20.36
CA GLU A 48 6.76 -12.88 -21.19
C GLU A 48 6.76 -11.62 -20.35
N ASN A 49 7.62 -10.68 -20.69
CA ASN A 49 7.65 -9.38 -20.01
C ASN A 49 6.73 -8.38 -20.67
N PHE A 50 5.98 -7.65 -19.86
CA PHE A 50 5.07 -6.63 -20.35
C PHE A 50 5.44 -5.28 -19.74
N ASN A 51 5.06 -4.21 -20.44
CA ASN A 51 5.22 -2.86 -19.92
C ASN A 51 4.11 -1.97 -20.44
N MET A 52 3.07 -1.81 -19.64
CA MET A 52 1.89 -1.03 -20.03
C MET A 52 2.23 0.44 -20.26
N TRP A 53 3.34 0.90 -19.69
CA TRP A 53 3.73 2.31 -19.76
C TRP A 53 4.60 2.60 -20.98
N LYS A 54 4.99 1.54 -21.68
CA LYS A 54 5.74 1.67 -22.93
C LYS A 54 5.14 0.73 -23.97
N ASN A 55 3.93 1.06 -24.42
CA ASN A 55 3.18 0.18 -25.29
C ASN A 55 2.60 0.96 -26.46
N ASN A 56 3.10 0.67 -27.65
CA ASN A 56 2.71 1.40 -28.86
C ASN A 56 1.22 1.25 -29.22
N MET A 57 0.57 0.22 -28.69
CA MET A 57 -0.86 0.03 -28.90
C MET A 57 -1.63 1.22 -28.33
N VAL A 58 -1.11 1.79 -27.24
CA VAL A 58 -1.72 2.94 -26.59
C VAL A 58 -1.65 4.18 -27.48
N GLU A 59 -0.49 4.42 -28.07
CA GLU A 59 -0.32 5.55 -28.98
C GLU A 59 -1.24 5.43 -30.19
N GLN A 60 -1.41 4.21 -30.68
CA GLN A 60 -2.28 3.98 -31.83
C GLN A 60 -3.75 4.21 -31.51
N MET A 61 -4.19 3.76 -30.33
CA MET A 61 -5.57 4.00 -29.93
C MET A 61 -5.83 5.49 -29.74
N GLN A 62 -4.85 6.18 -29.14
CA GLN A 62 -4.93 7.62 -28.97
C GLN A 62 -5.15 8.33 -30.30
N GLU A 63 -4.41 7.90 -31.32
CA GLU A 63 -4.54 8.49 -32.66
C GLU A 63 -5.92 8.28 -33.26
N ASP A 64 -6.49 7.09 -33.04
CA ASP A 64 -7.84 6.79 -33.49
C ASP A 64 -8.89 7.69 -32.84
N VAL A 65 -8.80 7.81 -31.52
CA VAL A 65 -9.77 8.57 -30.76
C VAL A 65 -9.71 10.06 -31.11
N ILE A 66 -8.49 10.57 -31.32
CA ILE A 66 -8.31 11.95 -31.75
C ILE A 66 -8.96 12.15 -33.11
N SER A 67 -8.72 11.21 -34.02
CA SER A 67 -9.32 11.27 -35.35
C SER A 67 -10.84 11.22 -35.28
N LEU A 68 -11.37 10.37 -34.41
CA LEU A 68 -12.80 10.23 -34.22
C LEU A 68 -13.42 11.54 -33.74
N TRP A 69 -12.85 12.12 -32.69
CA TRP A 69 -13.35 13.37 -32.13
C TRP A 69 -13.24 14.53 -33.11
N ASP A 70 -12.13 14.59 -33.85
CA ASP A 70 -11.92 15.67 -34.81
C ASP A 70 -12.95 15.65 -35.93
N GLN A 71 -13.41 14.46 -36.30
CA GLN A 71 -14.40 14.32 -37.36
C GLN A 71 -15.84 14.44 -36.84
N SER A 72 -16.01 14.26 -35.54
CA SER A 72 -17.35 14.13 -34.96
C SER A 72 -17.79 15.34 -34.14
N LEU A 73 -16.94 15.76 -33.20
CA LEU A 73 -17.26 16.87 -32.32
C LEU A 73 -16.65 18.17 -32.81
N GLN A 74 -17.47 19.02 -33.40
CA GLN A 74 -17.02 20.28 -33.97
C GLN A 74 -17.33 21.43 -33.02
N PRO A 75 -16.27 22.05 -32.46
CA PRO A 75 -16.46 23.24 -31.64
C PRO A 75 -16.76 24.45 -32.51
N CYS A 76 -17.50 25.42 -31.98
CA CYS A 76 -17.86 26.62 -32.74
C CYS A 76 -16.62 27.45 -33.05
N VAL A 77 -15.70 27.52 -32.11
CA VAL A 77 -14.47 28.28 -32.27
C VAL A 77 -13.26 27.46 -31.86
N LYS A 78 -12.28 27.37 -32.76
CA LYS A 78 -11.03 26.67 -32.48
C LYS A 78 -9.90 27.68 -32.31
N LEU A 79 -9.22 27.62 -31.17
CA LEU A 79 -8.14 28.55 -30.86
C LEU A 79 -6.81 27.80 -30.72
N THR A 80 -6.24 27.41 -31.86
CA THR A 80 -5.03 26.61 -31.86
C THR A 80 -3.88 27.28 -32.61
N GLY A 81 -2.80 27.57 -31.89
CA GLY A 81 -1.60 28.11 -32.49
C GLY A 81 -1.76 29.47 -33.13
N GLY A 82 -2.46 30.37 -32.45
CA GLY A 82 -2.65 31.72 -32.94
C GLY A 82 -3.68 31.86 -34.04
N SER A 83 -4.13 30.72 -34.57
CA SER A 83 -5.12 30.70 -35.63
C SER A 83 -6.52 30.50 -35.07
N VAL A 84 -7.46 31.33 -35.51
CA VAL A 84 -8.84 31.22 -35.04
C VAL A 84 -9.72 30.63 -36.13
N ILE A 85 -10.38 29.51 -35.81
CA ILE A 85 -11.24 28.83 -36.77
C ILE A 85 -12.70 28.85 -36.33
N LYS A 86 -13.52 29.60 -37.06
CA LYS A 86 -14.94 29.64 -36.80
C LYS A 86 -15.68 28.73 -37.77
N GLN A 87 -16.47 27.81 -37.24
CA GLN A 87 -17.18 26.83 -38.07
C GLN A 87 -18.52 26.47 -37.46
N ALA A 88 -19.32 25.72 -38.21
CA ALA A 88 -20.59 25.22 -37.71
C ALA A 88 -20.35 24.22 -36.58
N CYS A 89 -21.25 24.20 -35.61
CA CYS A 89 -21.11 23.32 -34.46
C CYS A 89 -22.43 22.63 -34.13
N PRO A 90 -22.87 21.71 -34.99
CA PRO A 90 -24.17 21.06 -34.83
C PRO A 90 -24.19 20.08 -33.67
N LYS A 91 -25.38 19.89 -33.09
CA LYS A 91 -25.57 18.89 -32.04
C LYS A 91 -25.56 17.49 -32.64
N ILE A 92 -24.95 16.55 -31.95
CA ILE A 92 -24.76 15.20 -32.49
C ILE A 92 -25.30 14.11 -31.57
N SER A 93 -25.34 12.89 -32.11
CA SER A 93 -25.65 11.70 -31.32
C SER A 93 -24.33 11.10 -30.88
N PHE A 94 -24.13 11.00 -29.56
CA PHE A 94 -22.83 10.61 -29.01
C PHE A 94 -22.97 9.52 -27.94
N ASP A 95 -22.36 8.37 -28.18
CA ASP A 95 -22.36 7.26 -27.23
C ASP A 95 -21.32 6.22 -27.65
N PRO A 96 -20.19 6.17 -26.94
CA PRO A 96 -19.04 5.31 -27.28
C PRO A 96 -19.40 3.84 -27.45
N ILE A 97 -18.79 3.20 -28.45
CA ILE A 97 -18.99 1.78 -28.69
C ILE A 97 -17.64 1.05 -28.56
N PRO A 98 -17.68 -0.25 -28.22
CA PRO A 98 -16.43 -1.00 -28.08
C PRO A 98 -15.66 -1.14 -29.39
N ILE A 99 -14.36 -0.90 -29.33
CA ILE A 99 -13.47 -1.03 -30.49
C ILE A 99 -12.39 -2.07 -30.20
N HIS A 100 -12.21 -3.01 -31.12
CA HIS A 100 -11.20 -4.05 -30.96
C HIS A 100 -9.95 -3.70 -31.76
N TYR A 101 -8.78 -3.97 -31.20
CA TYR A 101 -7.53 -3.73 -31.92
C TYR A 101 -6.87 -5.04 -32.34
N CYS A 102 -6.51 -5.14 -33.62
CA CYS A 102 -6.09 -6.40 -34.20
C CYS A 102 -4.78 -6.29 -34.98
N THR A 103 -4.04 -7.40 -35.02
CA THR A 103 -2.77 -7.46 -35.72
C THR A 103 -2.92 -7.99 -37.14
N PRO A 104 -2.08 -7.51 -38.07
CA PRO A 104 -2.05 -8.03 -39.44
C PRO A 104 -1.26 -9.33 -39.49
N ALA A 105 -1.14 -9.90 -40.68
CA ALA A 105 -0.41 -11.15 -40.88
C ALA A 105 1.05 -11.00 -40.48
N GLY A 106 1.62 -12.05 -39.90
CA GLY A 106 3.00 -12.05 -39.47
C GLY A 106 3.17 -11.58 -38.04
N TYR A 107 2.08 -11.13 -37.44
CA TYR A 107 2.10 -10.62 -36.07
C TYR A 107 0.98 -11.25 -35.26
N VAL A 108 1.10 -11.18 -33.94
CA VAL A 108 0.04 -11.64 -33.05
C VAL A 108 0.06 -10.82 -31.76
N ILE A 109 -1.03 -10.86 -31.02
CA ILE A 109 -1.10 -10.15 -29.75
C ILE A 109 -0.99 -11.15 -28.60
N LEU A 110 -0.03 -10.91 -27.71
CA LEU A 110 0.08 -11.73 -26.51
C LEU A 110 -0.72 -11.08 -25.40
N LYS A 111 -1.44 -11.91 -24.64
CA LYS A 111 -2.32 -11.43 -23.59
C LYS A 111 -1.93 -12.03 -22.25
N CYS A 112 -1.66 -11.17 -21.27
CA CYS A 112 -1.33 -11.65 -19.93
C CYS A 112 -2.59 -11.99 -19.14
N ASN A 113 -2.65 -13.20 -18.62
CA ASN A 113 -3.83 -13.67 -17.90
C ASN A 113 -3.58 -13.88 -16.41
N ASP A 114 -2.43 -13.41 -15.91
CA ASP A 114 -2.14 -13.44 -14.48
C ASP A 114 -3.15 -12.58 -13.73
N LYS A 115 -3.75 -13.15 -12.70
CA LYS A 115 -4.90 -12.52 -12.03
C LYS A 115 -4.54 -11.27 -11.21
N ASN A 116 -3.29 -11.18 -10.77
CA ASN A 116 -2.85 -10.03 -9.98
C ASN A 116 -1.79 -9.21 -10.71
N PHE A 117 -1.83 -9.27 -12.03
CA PHE A 117 -0.86 -8.57 -12.89
C PHE A 117 -1.00 -7.05 -12.76
N ASN A 118 0.11 -6.38 -12.46
CA ASN A 118 0.09 -4.94 -12.24
C ASN A 118 0.37 -4.09 -13.48
N GLY A 119 0.71 -4.76 -14.58
CA GLY A 119 0.94 -4.06 -15.83
C GLY A 119 2.39 -4.07 -16.30
N THR A 120 3.31 -4.34 -15.37
CA THR A 120 4.73 -4.39 -15.72
C THR A 120 5.37 -5.67 -15.21
N GLY A 121 6.40 -6.13 -15.90
CA GLY A 121 7.15 -7.30 -15.49
C GLY A 121 6.72 -8.57 -16.19
N PRO A 122 7.16 -9.72 -15.67
CA PRO A 122 6.89 -11.03 -16.26
C PRO A 122 5.47 -11.53 -16.01
N CYS A 123 4.93 -12.27 -16.96
CA CYS A 123 3.61 -12.87 -16.84
C CYS A 123 3.72 -14.37 -17.09
N LYS A 124 3.13 -15.17 -16.20
CA LYS A 124 3.26 -16.62 -16.26
C LYS A 124 2.16 -17.31 -17.07
N ASN A 125 0.96 -16.73 -17.06
CA ASN A 125 -0.14 -17.26 -17.83
C ASN A 125 -0.42 -16.40 -19.05
N VAL A 126 0.18 -16.76 -20.19
CA VAL A 126 0.08 -15.94 -21.40
C VAL A 126 -0.68 -16.68 -22.50
N SER A 127 -1.51 -15.94 -23.23
CA SER A 127 -2.20 -16.50 -24.38
C SER A 127 -1.96 -15.62 -25.61
N SER A 128 -2.21 -16.17 -26.79
CA SER A 128 -2.07 -15.41 -28.03
C SER A 128 -3.44 -15.21 -28.68
N VAL A 129 -3.73 -13.97 -29.06
CA VAL A 129 -5.00 -13.63 -29.69
C VAL A 129 -4.75 -12.78 -30.93
N GLN A 130 -5.78 -12.68 -31.78
CA GLN A 130 -5.67 -11.85 -32.99
C GLN A 130 -6.19 -10.44 -32.74
N CYS A 131 -7.06 -10.29 -31.74
CA CYS A 131 -7.65 -9.00 -31.41
C CYS A 131 -7.82 -8.84 -29.91
N THR A 132 -7.78 -7.59 -29.46
CA THR A 132 -8.06 -7.29 -28.05
C THR A 132 -9.56 -7.44 -27.81
N HIS A 133 -9.97 -7.31 -26.56
CA HIS A 133 -11.40 -7.26 -26.25
C HIS A 133 -11.95 -5.90 -26.69
N GLY A 134 -13.26 -5.75 -26.64
CA GLY A 134 -13.89 -4.50 -27.05
C GLY A 134 -13.68 -3.39 -26.04
N ILE A 135 -12.99 -2.34 -26.46
CA ILE A 135 -12.68 -1.23 -25.57
C ILE A 135 -13.43 0.04 -25.98
N LYS A 136 -14.24 0.56 -25.06
CA LYS A 136 -14.93 1.83 -25.29
C LYS A 136 -13.98 2.99 -25.08
N PRO A 137 -13.87 3.87 -26.08
CA PRO A 137 -12.99 5.04 -25.98
C PRO A 137 -13.59 6.15 -25.11
N VAL A 138 -13.76 5.88 -23.82
CA VAL A 138 -14.35 6.86 -22.92
C VAL A 138 -13.30 7.87 -22.44
N VAL A 139 -13.50 9.13 -22.81
CA VAL A 139 -12.58 10.20 -22.41
C VAL A 139 -13.05 10.85 -21.12
N SER A 140 -12.25 10.73 -20.07
CA SER A 140 -12.60 11.31 -18.78
C SER A 140 -11.38 11.65 -17.94
N THR A 141 -11.61 12.39 -16.87
CA THR A 141 -10.56 12.65 -15.89
C THR A 141 -11.00 12.20 -14.50
N GLN A 142 -10.01 12.00 -13.62
CA GLN A 142 -10.23 11.54 -12.24
C GLN A 142 -10.81 10.12 -12.12
N LEU A 143 -11.96 9.90 -12.72
CA LEU A 143 -12.62 8.59 -12.65
C LEU A 143 -12.65 7.91 -14.01
N LEU A 144 -12.29 6.64 -14.03
CA LEU A 144 -12.39 5.84 -15.27
C LEU A 144 -13.77 5.20 -15.34
N LEU A 145 -14.46 5.42 -16.46
CA LEU A 145 -15.85 5.02 -16.59
C LEU A 145 -16.08 3.93 -17.64
N ASN A 146 -17.03 3.05 -17.37
CA ASN A 146 -17.47 2.02 -18.32
C ASN A 146 -16.36 1.11 -18.82
N GLY A 147 -15.35 0.89 -17.99
CA GLY A 147 -14.24 0.03 -18.37
C GLY A 147 -14.41 -1.39 -17.87
N SER A 148 -13.35 -2.18 -17.97
CA SER A 148 -13.36 -3.54 -17.44
C SER A 148 -12.92 -3.52 -15.98
N LEU A 149 -13.31 -4.54 -15.23
CA LEU A 149 -12.95 -4.64 -13.82
C LEU A 149 -11.89 -5.70 -13.58
N ALA A 150 -11.07 -5.49 -12.56
CA ALA A 150 -10.12 -6.50 -12.12
C ALA A 150 -10.88 -7.72 -11.62
N GLU A 151 -10.43 -8.91 -11.98
CA GLU A 151 -11.19 -10.13 -11.68
C GLU A 151 -11.07 -10.59 -10.23
N GLU A 152 -9.91 -10.37 -9.61
CA GLU A 152 -9.72 -10.80 -8.22
C GLU A 152 -9.63 -9.61 -7.28
N GLU A 153 -8.41 -9.20 -6.95
CA GLU A 153 -8.20 -8.08 -6.03
C GLU A 153 -8.06 -6.76 -6.79
N ILE A 154 -8.27 -5.67 -6.08
CA ILE A 154 -7.99 -4.34 -6.62
C ILE A 154 -6.52 -4.26 -7.00
N ILE A 155 -6.23 -3.66 -8.15
CA ILE A 155 -4.86 -3.58 -8.65
C ILE A 155 -4.36 -2.14 -8.66
N ILE A 156 -3.13 -1.94 -8.20
CA ILE A 156 -2.49 -0.64 -8.24
C ILE A 156 -1.46 -0.62 -9.36
N ARG A 157 -1.59 0.34 -10.28
CA ARG A 157 -0.68 0.43 -11.42
C ARG A 157 0.08 1.74 -11.44
N SER A 158 1.39 1.65 -11.63
CA SER A 158 2.25 2.83 -11.76
C SER A 158 3.57 2.46 -12.42
N GLU A 159 4.11 3.36 -13.22
CA GLU A 159 5.39 3.14 -13.88
C GLU A 159 6.50 3.14 -12.83
N ASN A 160 6.27 3.89 -11.74
CA ASN A 160 7.22 3.97 -10.64
C ASN A 160 6.53 4.59 -9.43
N LEU A 161 6.08 3.74 -8.51
CA LEU A 161 5.34 4.21 -7.34
C LEU A 161 6.16 5.15 -6.46
N THR A 162 7.47 4.96 -6.45
CA THR A 162 8.37 5.80 -5.66
C THR A 162 8.44 7.22 -6.22
N ASN A 163 8.19 7.34 -7.52
CA ASN A 163 8.17 8.64 -8.18
C ASN A 163 6.78 9.25 -8.12
N ASN A 164 6.61 10.26 -7.27
CA ASN A 164 5.31 10.88 -7.08
C ASN A 164 4.79 11.61 -8.32
N ALA A 165 5.68 11.86 -9.27
CA ALA A 165 5.31 12.54 -10.51
C ALA A 165 4.61 11.58 -11.49
N LYS A 166 4.68 10.29 -11.20
CA LYS A 166 4.06 9.28 -12.05
C LYS A 166 2.63 8.96 -11.61
N THR A 167 1.71 8.98 -12.57
CA THR A 167 0.30 8.76 -12.29
C THR A 167 0.02 7.35 -11.81
N ILE A 168 -0.88 7.23 -10.83
CA ILE A 168 -1.32 5.93 -10.33
C ILE A 168 -2.69 5.58 -10.90
N ILE A 169 -2.81 4.38 -11.45
CA ILE A 169 -4.10 3.87 -11.90
C ILE A 169 -4.61 2.83 -10.91
N VAL A 170 -5.76 3.11 -10.30
CA VAL A 170 -6.42 2.13 -9.43
C VAL A 170 -7.44 1.35 -10.27
N HIS A 171 -7.32 0.04 -10.27
CA HIS A 171 -8.24 -0.80 -11.02
C HIS A 171 -9.20 -1.53 -10.08
N LEU A 172 -10.46 -1.08 -10.06
CA LEU A 172 -11.45 -1.64 -9.16
C LEU A 172 -11.86 -3.06 -9.54
N ASN A 173 -12.27 -3.85 -8.56
CA ASN A 173 -12.78 -5.19 -8.80
C ASN A 173 -14.29 -5.26 -8.63
N LYS A 174 -14.88 -4.11 -8.28
CA LYS A 174 -16.33 -3.98 -8.20
C LYS A 174 -16.72 -2.55 -8.59
N SER A 175 -17.63 -2.45 -9.56
CA SER A 175 -18.03 -1.14 -10.08
C SER A 175 -18.96 -0.41 -9.11
N VAL A 176 -18.94 0.92 -9.20
CA VAL A 176 -19.88 1.76 -8.47
C VAL A 176 -20.53 2.71 -9.45
N GLU A 177 -21.86 2.69 -9.52
CA GLU A 177 -22.58 3.52 -10.48
C GLU A 177 -22.53 5.00 -10.13
N ILE A 178 -22.39 5.83 -11.16
CA ILE A 178 -22.48 7.28 -10.99
C ILE A 178 -23.56 7.84 -11.92
N ASN A 179 -24.56 8.49 -11.34
CA ASN A 179 -25.75 8.91 -12.04
C ASN A 179 -25.78 10.43 -12.25
N CYS A 180 -25.48 10.86 -13.47
CA CYS A 180 -25.35 12.29 -13.76
C CYS A 180 -26.51 12.82 -14.60
N THR A 181 -27.06 13.96 -14.17
CA THR A 181 -28.25 14.51 -14.80
C THR A 181 -28.24 16.03 -14.93
N ARG A 182 -28.55 16.53 -16.12
CA ARG A 182 -28.95 17.92 -16.31
C ARG A 182 -30.46 17.87 -16.48
N PRO A 183 -31.19 18.26 -15.42
CA PRO A 183 -32.65 18.12 -15.34
C PRO A 183 -33.39 18.98 -16.37
N SER A 184 -34.62 18.58 -16.67
CA SER A 184 -35.48 19.29 -17.61
C SER A 184 -36.16 20.44 -16.87
N ASN A 185 -37.08 21.12 -17.54
CA ASN A 185 -37.82 22.24 -16.98
C ASN A 185 -38.60 21.90 -15.71
N GLY A 192 -33.98 29.39 -14.96
CA GLY A 192 -33.40 28.06 -14.96
C GLY A 192 -32.02 28.01 -15.56
N ASP A 193 -31.05 27.50 -14.80
CA ASP A 193 -29.67 27.39 -15.26
C ASP A 193 -29.51 26.14 -16.12
N ILE A 194 -29.37 26.35 -17.43
CA ILE A 194 -29.27 25.24 -18.37
C ILE A 194 -27.94 24.49 -18.28
N ARG A 195 -26.99 25.06 -17.54
CA ARG A 195 -25.67 24.44 -17.41
C ARG A 195 -25.46 23.81 -16.03
N LYS A 196 -26.47 23.91 -15.17
CA LYS A 196 -26.39 23.34 -13.84
C LYS A 196 -26.78 21.86 -13.86
N ALA A 197 -25.94 21.02 -13.26
CA ALA A 197 -26.18 19.59 -13.25
C ALA A 197 -25.69 18.96 -11.96
N TYR A 198 -25.89 17.65 -11.83
CA TYR A 198 -25.44 16.94 -10.63
C TYR A 198 -25.21 15.45 -10.89
N CYS A 199 -24.40 14.83 -10.04
CA CYS A 199 -24.17 13.39 -10.09
C CYS A 199 -24.53 12.74 -8.77
N GLU A 200 -25.23 11.62 -8.83
CA GLU A 200 -25.62 10.88 -7.63
C GLU A 200 -24.88 9.56 -7.52
N ILE A 201 -24.35 9.28 -6.34
CA ILE A 201 -23.60 8.05 -6.08
C ILE A 201 -24.00 7.47 -4.73
N ASN A 202 -24.19 6.15 -4.68
CA ASN A 202 -24.48 5.47 -3.42
C ASN A 202 -23.30 5.60 -2.47
N GLY A 203 -23.48 6.36 -1.39
CA GLY A 203 -22.42 6.62 -0.44
C GLY A 203 -21.93 5.39 0.29
N THR A 204 -22.83 4.44 0.52
CA THR A 204 -22.48 3.20 1.19
C THR A 204 -21.56 2.35 0.31
N LYS A 205 -21.93 2.21 -0.96
CA LYS A 205 -21.12 1.45 -1.90
C LYS A 205 -19.76 2.09 -2.15
N TRP A 206 -19.74 3.40 -2.35
CA TRP A 206 -18.51 4.10 -2.68
C TRP A 206 -17.50 4.10 -1.53
N ASN A 207 -17.96 4.43 -0.33
CA ASN A 207 -17.08 4.48 0.84
C ASN A 207 -16.51 3.11 1.19
N LYS A 208 -17.28 2.06 0.93
CA LYS A 208 -16.82 0.70 1.16
C LYS A 208 -15.71 0.35 0.18
N VAL A 209 -15.89 0.73 -1.08
CA VAL A 209 -14.89 0.50 -2.12
C VAL A 209 -13.63 1.32 -1.84
N LEU A 210 -13.81 2.58 -1.45
CA LEU A 210 -12.69 3.47 -1.18
C LEU A 210 -11.86 2.98 0.01
N LYS A 211 -12.54 2.38 0.99
CA LYS A 211 -11.86 1.78 2.14
C LYS A 211 -10.97 0.63 1.68
N GLN A 212 -11.47 -0.16 0.73
CA GLN A 212 -10.72 -1.27 0.18
C GLN A 212 -9.52 -0.79 -0.63
N VAL A 213 -9.68 0.35 -1.31
CA VAL A 213 -8.59 0.96 -2.05
C VAL A 213 -7.48 1.41 -1.11
N THR A 214 -7.85 1.96 0.04
CA THR A 214 -6.87 2.39 1.03
C THR A 214 -6.06 1.21 1.56
N GLU A 215 -6.73 0.08 1.75
CA GLU A 215 -6.06 -1.12 2.25
C GLU A 215 -5.08 -1.69 1.23
N LYS A 216 -5.40 -1.54 -0.05
CA LYS A 216 -4.49 -1.98 -1.12
C LYS A 216 -3.28 -1.08 -1.22
N LEU A 217 -3.49 0.22 -1.11
CA LEU A 217 -2.41 1.19 -1.15
C LEU A 217 -1.44 0.98 0.00
N LYS A 218 -1.96 0.54 1.14
CA LYS A 218 -1.14 0.21 2.29
C LYS A 218 -0.13 -0.89 1.98
N GLU A 219 -0.55 -1.88 1.21
CA GLU A 219 0.31 -2.98 0.83
C GLU A 219 1.48 -2.51 -0.02
N HIS A 220 1.28 -1.41 -0.73
CA HIS A 220 2.30 -0.89 -1.64
C HIS A 220 3.13 0.22 -1.01
N PHE A 221 2.63 0.79 0.09
CA PHE A 221 3.35 1.87 0.76
C PHE A 221 3.73 1.58 2.21
N ASN A 222 4.18 0.35 2.45
CA ASN A 222 4.76 -0.04 3.73
C ASN A 222 3.86 0.24 4.93
N ASN A 223 2.56 0.08 4.74
CA ASN A 223 1.55 0.31 5.78
C ASN A 223 1.47 1.73 6.33
N LYS A 224 1.91 2.70 5.54
CA LYS A 224 1.75 4.09 5.94
C LYS A 224 0.27 4.45 5.92
N THR A 225 -0.08 5.52 6.62
CA THR A 225 -1.47 5.98 6.67
C THR A 225 -1.86 6.62 5.35
N ILE A 226 -2.99 6.18 4.79
CA ILE A 226 -3.44 6.65 3.48
C ILE A 226 -4.52 7.72 3.62
N ILE A 227 -4.27 8.88 3.02
CA ILE A 227 -5.20 10.00 3.11
C ILE A 227 -5.55 10.54 1.73
N PHE A 228 -6.82 10.84 1.52
CA PHE A 228 -7.26 11.48 0.29
C PHE A 228 -7.49 12.98 0.49
N GLN A 229 -7.19 13.75 -0.55
CA GLN A 229 -7.41 15.20 -0.54
C GLN A 229 -7.81 15.66 -1.93
N PRO A 230 -8.57 16.76 -2.01
CA PRO A 230 -8.92 17.34 -3.31
C PRO A 230 -7.67 17.87 -4.01
N PRO A 231 -7.70 17.93 -5.35
CA PRO A 231 -6.56 18.44 -6.14
C PRO A 231 -6.12 19.83 -5.68
N SER A 232 -4.82 20.07 -5.69
CA SER A 232 -4.27 21.33 -5.21
C SER A 232 -4.66 22.50 -6.10
N GLY A 233 -4.56 22.30 -7.42
CA GLY A 233 -4.90 23.35 -8.37
C GLY A 233 -4.71 22.87 -9.79
N GLY A 234 -4.67 23.82 -10.73
CA GLY A 234 -4.51 23.50 -12.13
C GLY A 234 -5.78 23.74 -12.91
N ASP A 235 -5.82 23.21 -14.14
CA ASP A 235 -6.99 23.38 -15.00
C ASP A 235 -8.22 22.68 -14.43
N LEU A 236 -9.39 23.14 -14.84
CA LEU A 236 -10.66 22.57 -14.37
C LEU A 236 -10.80 21.12 -14.77
N GLU A 237 -10.19 20.76 -15.90
CA GLU A 237 -10.24 19.39 -16.39
C GLU A 237 -9.52 18.43 -15.44
N ILE A 238 -8.64 18.98 -14.60
CA ILE A 238 -7.85 18.17 -13.68
C ILE A 238 -8.41 18.22 -12.25
N THR A 239 -8.89 19.39 -11.84
CA THR A 239 -9.40 19.56 -10.48
C THR A 239 -10.81 18.99 -10.33
N MET A 240 -11.47 18.76 -11.46
CA MET A 240 -12.82 18.21 -11.44
C MET A 240 -12.90 16.92 -12.25
N HIS A 241 -13.93 16.12 -11.99
CA HIS A 241 -14.22 14.95 -12.79
C HIS A 241 -14.89 15.42 -14.07
N SER A 242 -14.15 15.39 -15.17
CA SER A 242 -14.70 15.82 -16.46
C SER A 242 -14.97 14.60 -17.35
N PHE A 243 -16.07 14.66 -18.08
CA PHE A 243 -16.45 13.58 -18.98
C PHE A 243 -17.45 14.11 -20.00
N ASN A 244 -17.75 13.30 -21.00
CA ASN A 244 -18.70 13.71 -22.02
C ASN A 244 -19.97 12.86 -22.00
N CYS A 245 -21.10 13.52 -21.81
CA CYS A 245 -22.39 12.84 -21.77
C CYS A 245 -23.28 13.35 -22.90
N ARG A 246 -23.61 12.47 -23.83
CA ARG A 246 -24.49 12.78 -24.96
C ARG A 246 -23.97 13.95 -25.81
N GLY A 247 -22.66 14.12 -25.85
CA GLY A 247 -22.06 15.21 -26.60
C GLY A 247 -21.75 16.44 -25.75
N GLU A 248 -22.29 16.47 -24.54
CA GLU A 248 -22.10 17.61 -23.65
C GLU A 248 -20.95 17.37 -22.67
N PHE A 249 -20.14 18.40 -22.45
CA PHE A 249 -19.01 18.28 -21.54
C PHE A 249 -19.40 18.59 -20.10
N PHE A 250 -19.35 17.57 -19.24
CA PHE A 250 -19.68 17.72 -17.83
C PHE A 250 -18.43 17.90 -16.99
N TYR A 251 -18.51 18.79 -16.01
CA TYR A 251 -17.43 19.01 -15.05
C TYR A 251 -18.00 18.90 -13.64
N CYS A 252 -17.58 17.88 -12.90
CA CYS A 252 -18.18 17.62 -11.59
C CYS A 252 -17.19 17.73 -10.44
N ASN A 253 -17.65 18.35 -9.34
CA ASN A 253 -16.85 18.53 -8.14
C ASN A 253 -16.85 17.26 -7.29
N THR A 254 -15.68 16.66 -7.10
CA THR A 254 -15.59 15.38 -6.40
C THR A 254 -15.05 15.48 -4.97
N THR A 255 -15.19 16.66 -4.36
CA THR A 255 -14.74 16.84 -2.98
C THR A 255 -15.39 15.84 -2.03
N GLN A 256 -16.68 15.57 -2.26
CA GLN A 256 -17.43 14.66 -1.39
C GLN A 256 -17.04 13.19 -1.55
N LEU A 257 -16.50 12.83 -2.72
CA LEU A 257 -16.14 11.44 -2.98
C LEU A 257 -14.93 11.00 -2.18
N PHE A 258 -13.94 11.88 -2.10
CA PHE A 258 -12.70 11.55 -1.42
C PHE A 258 -12.71 12.16 -0.03
N ASN A 259 -13.44 11.49 0.86
CA ASN A 259 -13.74 12.00 2.19
C ASN A 259 -13.21 11.05 3.26
N ASN A 260 -12.05 11.38 3.81
CA ASN A 260 -11.37 10.52 4.77
C ASN A 260 -12.18 10.21 6.03
N THR A 261 -13.13 11.08 6.35
CA THR A 261 -14.00 10.88 7.51
C THR A 261 -14.88 9.65 7.31
N CYS A 262 -15.38 9.48 6.09
CA CYS A 262 -16.27 8.38 5.77
C CYS A 262 -15.51 7.05 5.64
N ILE A 263 -14.19 7.14 5.49
CA ILE A 263 -13.35 5.96 5.37
C ILE A 263 -13.15 5.30 6.73
N ASN A 272 -23.27 7.84 4.25
CA ASN A 272 -23.88 6.53 4.04
C ASN A 272 -25.04 6.60 3.04
N GLY A 273 -25.67 7.77 2.96
CA GLY A 273 -26.77 7.99 2.04
C GLY A 273 -26.29 8.36 0.65
N THR A 274 -27.19 8.96 -0.13
CA THR A 274 -26.84 9.37 -1.49
C THR A 274 -25.91 10.59 -1.48
N ILE A 275 -24.80 10.49 -2.20
CA ILE A 275 -23.89 11.60 -2.36
C ILE A 275 -24.22 12.36 -3.65
N THR A 276 -24.47 13.66 -3.52
CA THR A 276 -24.82 14.47 -4.68
C THR A 276 -23.69 15.45 -5.03
N LEU A 277 -23.00 15.17 -6.13
CA LEU A 277 -21.91 16.04 -6.59
C LEU A 277 -22.46 17.16 -7.47
N PRO A 278 -22.06 18.41 -7.18
CA PRO A 278 -22.45 19.52 -8.05
C PRO A 278 -21.66 19.53 -9.35
N CYS A 279 -22.36 19.65 -10.47
CA CYS A 279 -21.73 19.62 -11.78
C CYS A 279 -22.11 20.83 -12.63
N LYS A 280 -21.30 21.10 -13.64
CA LYS A 280 -21.60 22.16 -14.61
C LYS A 280 -21.28 21.68 -16.02
N ILE A 281 -22.17 22.00 -16.96
CA ILE A 281 -21.86 21.78 -18.37
C ILE A 281 -21.05 22.96 -18.89
N LYS A 282 -19.89 22.68 -19.48
CA LYS A 282 -19.02 23.74 -20.00
C LYS A 282 -18.88 23.70 -21.51
N GLN A 283 -18.94 24.87 -22.13
CA GLN A 283 -18.77 24.98 -23.56
C GLN A 283 -17.31 25.29 -23.90
N ILE A 284 -16.69 26.12 -23.06
CA ILE A 284 -15.30 26.50 -23.27
C ILE A 284 -14.37 25.61 -22.47
N ILE A 285 -13.65 24.74 -23.16
CA ILE A 285 -12.79 23.78 -22.51
C ILE A 285 -11.38 23.78 -23.08
N ASN A 286 -10.46 23.19 -22.34
CA ASN A 286 -9.13 22.88 -22.86
C ASN A 286 -9.19 21.52 -23.53
N MET A 287 -8.87 21.48 -24.82
CA MET A 287 -8.99 20.26 -25.60
C MET A 287 -8.01 19.20 -25.11
N TRP A 288 -8.52 18.00 -24.85
CA TRP A 288 -7.68 16.90 -24.38
C TRP A 288 -6.68 16.47 -25.44
N GLN A 289 -6.98 16.77 -26.69
CA GLN A 289 -6.10 16.46 -27.81
C GLN A 289 -4.79 17.24 -27.72
N GLY A 290 -4.76 18.25 -26.85
CA GLY A 290 -3.55 19.03 -26.62
C GLY A 290 -3.50 20.26 -27.51
N THR A 291 -4.54 20.47 -28.31
CA THR A 291 -4.57 21.58 -29.25
C THR A 291 -5.31 22.80 -28.70
N GLY A 292 -4.74 23.41 -27.65
CA GLY A 292 -5.26 24.66 -27.12
C GLY A 292 -6.66 24.61 -26.55
N GLN A 293 -7.43 25.67 -26.80
CA GLN A 293 -8.76 25.80 -26.24
C GLN A 293 -9.83 25.81 -27.32
N ALA A 294 -11.06 25.53 -26.93
CA ALA A 294 -12.18 25.50 -27.88
C ALA A 294 -13.50 25.84 -27.20
N MET A 295 -14.42 26.43 -27.96
CA MET A 295 -15.77 26.67 -27.48
C MET A 295 -16.76 25.79 -28.24
N TYR A 296 -17.42 24.89 -27.51
CA TYR A 296 -18.42 24.03 -28.11
C TYR A 296 -19.81 24.65 -27.98
N ALA A 297 -20.80 24.04 -28.61
CA ALA A 297 -22.16 24.57 -28.62
C ALA A 297 -22.88 24.38 -27.29
N PRO A 298 -23.83 25.27 -26.96
CA PRO A 298 -24.64 25.17 -25.74
C PRO A 298 -25.51 23.91 -25.72
N PRO A 299 -25.84 23.40 -24.52
CA PRO A 299 -26.51 22.10 -24.37
C PRO A 299 -27.88 21.99 -25.04
N ILE A 300 -28.29 20.77 -25.34
CA ILE A 300 -29.62 20.51 -25.88
C ILE A 300 -30.68 20.68 -24.80
N ASP A 301 -31.95 20.70 -25.21
CA ASP A 301 -33.05 20.84 -24.28
C ASP A 301 -33.43 19.48 -23.69
N GLY A 302 -34.23 19.51 -22.63
CA GLY A 302 -34.72 18.30 -22.01
C GLY A 302 -33.76 17.71 -21.01
N LYS A 303 -34.09 16.52 -20.51
CA LYS A 303 -33.25 15.84 -19.53
C LYS A 303 -32.02 15.23 -20.20
N ILE A 304 -30.85 15.60 -19.72
CA ILE A 304 -29.60 15.02 -20.19
C ILE A 304 -29.05 14.11 -19.10
N ASN A 305 -29.02 12.81 -19.38
CA ASN A 305 -28.67 11.83 -18.35
C ASN A 305 -27.68 10.76 -18.82
N CYS A 306 -26.70 10.48 -17.96
CA CYS A 306 -25.76 9.40 -18.21
C CYS A 306 -25.49 8.63 -16.92
N VAL A 307 -25.72 7.32 -16.97
CA VAL A 307 -25.39 6.45 -15.86
C VAL A 307 -24.19 5.59 -16.24
N SER A 308 -23.09 5.75 -15.51
CA SER A 308 -21.85 5.08 -15.84
C SER A 308 -21.36 4.21 -14.69
N ASN A 309 -20.53 3.22 -15.01
CA ASN A 309 -19.86 2.42 -13.99
C ASN A 309 -18.47 2.97 -13.72
N ILE A 310 -18.20 3.34 -12.48
CA ILE A 310 -16.84 3.69 -12.10
C ILE A 310 -16.06 2.40 -11.96
N THR A 311 -15.01 2.24 -12.75
CA THR A 311 -14.24 1.01 -12.77
C THR A 311 -12.78 1.24 -12.44
N GLY A 312 -12.40 2.51 -12.35
CA GLY A 312 -11.02 2.87 -12.05
C GLY A 312 -10.88 4.28 -11.52
N ILE A 313 -9.74 4.56 -10.90
CA ILE A 313 -9.43 5.88 -10.36
C ILE A 313 -8.02 6.29 -10.73
N LEU A 314 -7.86 7.54 -11.17
CA LEU A 314 -6.53 8.09 -11.43
C LEU A 314 -6.09 8.96 -10.26
N LEU A 315 -4.94 8.64 -9.69
CA LEU A 315 -4.45 9.33 -8.51
C LEU A 315 -3.05 9.93 -8.69
N THR A 316 -2.79 11.03 -8.00
CA THR A 316 -1.46 11.61 -7.94
C THR A 316 -1.06 11.73 -6.47
N ARG A 317 0.11 11.21 -6.14
CA ARG A 317 0.58 11.21 -4.74
C ARG A 317 1.36 12.46 -4.40
N ASP A 318 1.10 13.00 -3.21
CA ASP A 318 1.81 14.18 -2.72
C ASP A 318 3.29 13.89 -2.48
N GLY A 319 4.13 14.85 -2.83
CA GLY A 319 5.55 14.76 -2.53
C GLY A 319 5.88 15.37 -1.18
N GLY A 320 7.07 15.08 -0.68
CA GLY A 320 7.55 15.68 0.56
C GLY A 320 7.01 15.05 1.84
N ALA A 321 6.59 13.78 1.75
CA ALA A 321 6.02 13.10 2.90
C ALA A 321 6.91 12.00 3.46
N ASN A 322 8.17 11.97 3.02
CA ASN A 322 9.11 10.93 3.42
C ASN A 322 9.35 10.84 4.92
N ASN A 323 9.33 11.98 5.60
CA ASN A 323 9.61 12.02 7.03
C ASN A 323 8.37 11.97 7.91
N THR A 324 7.25 11.59 7.30
CA THR A 324 5.99 11.41 8.03
C THR A 324 5.43 10.02 7.77
N SER A 325 4.44 9.63 8.55
CA SER A 325 3.82 8.31 8.39
C SER A 325 2.60 8.34 7.48
N ASN A 326 2.39 9.47 6.82
CA ASN A 326 1.23 9.64 5.93
C ASN A 326 1.63 9.70 4.46
N GLU A 327 0.74 9.17 3.61
CA GLU A 327 0.85 9.37 2.17
C GLU A 327 -0.47 9.94 1.67
N THR A 328 -0.41 11.05 0.95
CA THR A 328 -1.61 11.74 0.51
C THR A 328 -1.85 11.55 -0.98
N PHE A 329 -3.08 11.22 -1.34
CA PHE A 329 -3.44 10.98 -2.74
C PHE A 329 -4.57 11.89 -3.17
N ARG A 330 -4.45 12.45 -4.36
CA ARG A 330 -5.46 13.34 -4.91
C ARG A 330 -5.89 12.86 -6.30
N PRO A 331 -7.19 12.96 -6.59
CA PRO A 331 -7.68 12.57 -7.92
C PRO A 331 -7.07 13.48 -8.99
N GLY A 332 -6.72 12.90 -10.14
CA GLY A 332 -6.06 13.66 -11.17
C GLY A 332 -5.98 12.95 -12.51
N GLY A 333 -4.82 13.02 -13.15
CA GLY A 333 -4.63 12.45 -14.47
C GLY A 333 -4.71 13.53 -15.53
N GLY A 334 -5.52 13.30 -16.56
CA GLY A 334 -5.67 14.26 -17.64
C GLY A 334 -5.04 13.77 -18.91
N ASN A 335 -3.90 13.10 -18.78
CA ASN A 335 -3.28 12.44 -19.92
C ASN A 335 -4.16 11.27 -20.33
N ILE A 336 -4.94 11.49 -21.38
CA ILE A 336 -5.97 10.54 -21.80
C ILE A 336 -5.38 9.18 -22.22
N LYS A 337 -4.10 9.18 -22.58
CA LYS A 337 -3.41 7.92 -22.90
C LYS A 337 -3.49 6.92 -21.75
N ASP A 338 -3.51 7.44 -20.52
CA ASP A 338 -3.64 6.59 -19.34
C ASP A 338 -4.98 5.86 -19.31
N ASN A 339 -6.01 6.49 -19.85
CA ASN A 339 -7.30 5.82 -19.97
C ASN A 339 -7.20 4.57 -20.84
N TRP A 340 -6.44 4.67 -21.92
CA TRP A 340 -6.27 3.53 -22.82
C TRP A 340 -5.36 2.47 -22.19
N ARG A 341 -4.39 2.93 -21.40
CA ARG A 341 -3.49 2.01 -20.69
C ARG A 341 -4.25 1.16 -19.69
N SER A 342 -5.33 1.71 -19.13
CA SER A 342 -6.10 1.01 -18.12
C SER A 342 -6.82 -0.21 -18.70
N GLU A 343 -6.91 -0.26 -20.03
CA GLU A 343 -7.56 -1.37 -20.72
C GLU A 343 -6.57 -2.19 -21.54
N LEU A 344 -5.50 -1.55 -22.00
CA LEU A 344 -4.53 -2.20 -22.90
C LEU A 344 -3.32 -2.80 -22.16
N TYR A 345 -3.33 -2.71 -20.83
CA TYR A 345 -2.17 -3.11 -20.02
C TYR A 345 -1.74 -4.56 -20.22
N LYS A 346 -2.69 -5.43 -20.52
CA LYS A 346 -2.42 -6.87 -20.58
C LYS A 346 -2.02 -7.35 -21.97
N TYR A 347 -1.91 -6.43 -22.92
CA TYR A 347 -1.61 -6.80 -24.30
C TYR A 347 -0.26 -6.26 -24.77
N LYS A 348 0.40 -7.01 -25.65
CA LYS A 348 1.56 -6.51 -26.36
C LYS A 348 1.66 -7.21 -27.72
N VAL A 349 2.23 -6.49 -28.69
CA VAL A 349 2.36 -7.02 -30.04
C VAL A 349 3.72 -7.68 -30.23
N VAL A 350 3.73 -8.88 -30.83
CA VAL A 350 4.97 -9.55 -31.18
C VAL A 350 4.97 -9.98 -32.64
N GLN A 351 6.16 -10.03 -33.23
CA GLN A 351 6.30 -10.46 -34.62
C GLN A 351 6.75 -11.91 -34.70
N ILE A 352 6.02 -12.70 -35.48
CA ILE A 352 6.38 -14.11 -35.68
C ILE A 352 7.49 -14.24 -36.71
N GLU A 353 8.61 -14.80 -36.29
CA GLU A 353 9.76 -15.00 -37.18
C GLU A 353 9.58 -16.23 -38.05
N VAL B 1 8.64 -37.88 7.91
CA VAL B 1 9.56 -38.02 9.03
C VAL B 1 10.50 -36.83 9.14
N TRP B 2 10.57 -36.24 10.33
CA TRP B 2 11.45 -35.09 10.56
C TRP B 2 12.03 -35.09 11.97
N LYS B 3 12.80 -34.06 12.28
CA LYS B 3 13.47 -33.92 13.57
C LYS B 3 13.94 -32.49 13.77
N ASP B 4 14.00 -32.06 15.03
CA ASP B 4 14.47 -30.72 15.36
C ASP B 4 15.93 -30.52 14.94
N ALA B 5 16.19 -29.43 14.25
CA ALA B 5 17.54 -29.14 13.76
C ALA B 5 17.73 -27.65 13.47
N ASP B 6 18.99 -27.23 13.43
CA ASP B 6 19.32 -25.86 13.08
C ASP B 6 20.05 -25.85 11.73
N THR B 7 19.79 -24.83 10.93
CA THR B 7 20.48 -24.69 9.65
C THR B 7 20.54 -23.23 9.23
N THR B 8 21.30 -22.96 8.18
CA THR B 8 21.44 -21.61 7.65
C THR B 8 20.20 -21.21 6.84
N LEU B 9 19.44 -20.27 7.36
CA LEU B 9 18.26 -19.77 6.68
C LEU B 9 18.64 -18.68 5.69
N PHE B 10 17.78 -18.44 4.71
CA PHE B 10 17.94 -17.29 3.84
C PHE B 10 16.73 -16.37 4.00
N CYS B 11 16.87 -15.11 3.59
CA CYS B 11 15.79 -14.15 3.74
C CYS B 11 15.15 -13.77 2.41
N ALA B 12 13.89 -13.37 2.47
CA ALA B 12 13.17 -12.93 1.29
C ALA B 12 12.42 -11.63 1.59
N SER B 13 12.33 -10.75 0.61
CA SER B 13 11.64 -9.48 0.78
C SER B 13 11.14 -8.93 -0.55
N ASP B 14 10.43 -7.80 -0.48
CA ASP B 14 9.95 -7.12 -1.68
C ASP B 14 10.65 -5.78 -1.84
N ALA B 15 11.93 -5.74 -1.50
CA ALA B 15 12.71 -4.51 -1.58
C ALA B 15 12.87 -3.99 -3.00
N LYS B 16 13.07 -2.70 -3.15
CA LYS B 16 13.25 -2.07 -4.46
C LYS B 16 14.71 -1.71 -4.70
N ALA B 17 15.20 -2.06 -5.88
CA ALA B 17 16.62 -1.89 -6.20
C ALA B 17 17.05 -0.43 -6.37
N HIS B 18 16.09 0.44 -6.71
CA HIS B 18 16.41 1.83 -6.98
C HIS B 18 16.34 2.72 -5.73
N GLU B 19 15.88 2.14 -4.62
CA GLU B 19 15.70 2.89 -3.38
C GLU B 19 17.02 3.14 -2.66
N THR B 20 17.11 4.29 -1.99
CA THR B 20 18.28 4.61 -1.17
C THR B 20 18.00 4.33 0.30
N GLU B 21 16.75 3.98 0.61
CA GLU B 21 16.38 3.61 1.97
C GLU B 21 17.18 2.37 2.37
N VAL B 22 17.76 2.40 3.56
CA VAL B 22 18.78 1.42 3.95
C VAL B 22 18.31 -0.03 4.08
N HIS B 23 17.08 -0.22 4.56
CA HIS B 23 16.52 -1.57 4.65
C HIS B 23 16.32 -2.16 3.26
N ASN B 24 15.87 -1.33 2.32
CA ASN B 24 15.73 -1.74 0.93
C ASN B 24 17.06 -2.12 0.32
N VAL B 25 18.08 -1.29 0.54
CA VAL B 25 19.42 -1.53 0.01
C VAL B 25 19.98 -2.86 0.53
N TRP B 26 19.88 -3.07 1.83
CA TRP B 26 20.37 -4.31 2.43
C TRP B 26 19.65 -5.53 1.88
N ALA B 27 18.32 -5.47 1.87
CA ALA B 27 17.50 -6.60 1.40
C ALA B 27 17.70 -6.87 -0.09
N THR B 28 18.11 -5.86 -0.85
CA THR B 28 18.35 -6.02 -2.28
C THR B 28 19.53 -6.94 -2.54
N HIS B 29 20.58 -6.82 -1.74
CA HIS B 29 21.78 -7.63 -1.96
C HIS B 29 21.88 -8.85 -1.02
N ALA B 30 21.10 -8.85 0.06
CA ALA B 30 21.18 -9.91 1.05
C ALA B 30 19.98 -10.86 1.03
N CYS B 31 18.91 -10.46 0.34
CA CYS B 31 17.70 -11.27 0.28
C CYS B 31 17.29 -11.55 -1.17
N VAL B 32 16.39 -12.51 -1.34
CA VAL B 32 15.80 -12.81 -2.65
C VAL B 32 14.35 -12.31 -2.66
N PRO B 33 13.75 -12.19 -3.85
CA PRO B 33 12.32 -11.84 -3.91
C PRO B 33 11.42 -12.87 -3.21
N THR B 34 10.26 -12.43 -2.75
CA THR B 34 9.33 -13.32 -2.05
C THR B 34 8.65 -14.29 -3.01
N ASP B 35 8.12 -15.37 -2.46
CA ASP B 35 7.37 -16.35 -3.24
C ASP B 35 5.96 -15.83 -3.47
N PRO B 36 5.59 -15.61 -4.74
CA PRO B 36 4.26 -15.10 -5.09
C PRO B 36 3.17 -16.12 -4.78
N ASN B 37 3.53 -17.39 -4.77
CA ASN B 37 2.59 -18.45 -4.47
C ASN B 37 3.10 -19.37 -3.36
N PRO B 38 3.04 -18.89 -2.11
CA PRO B 38 3.55 -19.64 -0.96
C PRO B 38 2.67 -20.85 -0.65
N GLN B 39 3.29 -21.94 -0.20
CA GLN B 39 2.56 -23.18 0.08
C GLN B 39 2.60 -23.56 1.56
N GLU B 40 1.43 -23.55 2.18
CA GLU B 40 1.29 -23.99 3.56
C GLU B 40 0.49 -25.29 3.62
N ILE B 41 1.03 -26.29 4.30
CA ILE B 41 0.39 -27.59 4.38
C ILE B 41 0.07 -27.97 5.83
N HIS B 42 -1.20 -28.16 6.11
CA HIS B 42 -1.63 -28.59 7.44
C HIS B 42 -1.22 -30.04 7.71
N LEU B 43 -0.70 -30.29 8.90
CA LEU B 43 -0.28 -31.63 9.28
C LEU B 43 -1.36 -32.31 10.12
N GLU B 44 -2.04 -33.28 9.54
CA GLU B 44 -3.18 -33.93 10.17
C GLU B 44 -2.80 -34.77 11.39
N ASN B 45 -3.43 -34.46 12.51
CA ASN B 45 -3.24 -35.21 13.76
C ASN B 45 -1.80 -35.31 14.22
N VAL B 46 -1.07 -34.20 14.10
CA VAL B 46 0.33 -34.15 14.50
C VAL B 46 0.56 -33.12 15.61
N THR B 47 1.17 -33.57 16.70
CA THR B 47 1.48 -32.68 17.82
C THR B 47 2.98 -32.43 17.92
N GLU B 48 3.36 -31.16 17.89
CA GLU B 48 4.77 -30.78 17.97
C GLU B 48 5.07 -29.92 19.19
N ASN B 49 6.25 -30.11 19.76
CA ASN B 49 6.68 -29.32 20.91
C ASN B 49 7.51 -28.12 20.48
N PHE B 50 7.15 -26.95 20.98
CA PHE B 50 7.83 -25.71 20.63
C PHE B 50 8.52 -25.08 21.83
N ASN B 51 9.49 -24.21 21.58
CA ASN B 51 10.14 -23.45 22.62
C ASN B 51 10.72 -22.14 22.06
N MET B 52 9.96 -21.06 22.22
CA MET B 52 10.34 -19.77 21.65
C MET B 52 11.58 -19.17 22.29
N TRP B 53 11.95 -19.68 23.47
CA TRP B 53 13.06 -19.14 24.23
C TRP B 53 14.38 -19.81 23.89
N LYS B 54 14.29 -20.95 23.19
CA LYS B 54 15.47 -21.60 22.63
C LYS B 54 15.23 -21.88 21.15
N ASN B 55 15.32 -20.84 20.34
CA ASN B 55 15.05 -20.92 18.92
C ASN B 55 16.16 -20.26 18.13
N ASN B 56 16.90 -21.06 17.36
CA ASN B 56 18.04 -20.55 16.59
C ASN B 56 17.64 -19.53 15.53
N MET B 57 16.38 -19.52 15.15
CA MET B 57 15.87 -18.52 14.21
C MET B 57 16.04 -17.12 14.77
N VAL B 58 15.89 -17.00 16.08
CA VAL B 58 16.02 -15.71 16.76
C VAL B 58 17.44 -15.18 16.65
N GLU B 59 18.42 -16.05 16.93
CA GLU B 59 19.83 -15.68 16.81
C GLU B 59 20.19 -15.28 15.38
N GLN B 60 19.61 -15.97 14.40
CA GLN B 60 19.90 -15.67 13.01
C GLN B 60 19.33 -14.34 12.56
N MET B 61 18.14 -14.00 13.03
CA MET B 61 17.56 -12.70 12.72
C MET B 61 18.37 -11.59 13.37
N GLN B 62 18.81 -11.83 14.61
CA GLN B 62 19.64 -10.87 15.33
C GLN B 62 20.92 -10.56 14.55
N GLU B 63 21.55 -11.61 14.02
CA GLU B 63 22.77 -11.43 13.23
C GLU B 63 22.52 -10.58 12.00
N ASP B 64 21.37 -10.76 11.36
CA ASP B 64 20.99 -9.97 10.19
C ASP B 64 20.79 -8.49 10.52
N VAL B 65 20.04 -8.22 11.58
CA VAL B 65 19.73 -6.84 11.94
C VAL B 65 20.99 -6.11 12.37
N ILE B 66 21.86 -6.80 13.08
CA ILE B 66 23.17 -6.24 13.46
C ILE B 66 23.96 -5.90 12.21
N SER B 67 23.99 -6.82 11.25
CA SER B 67 24.68 -6.59 9.99
C SER B 67 24.07 -5.41 9.24
N LEU B 68 22.74 -5.36 9.21
CA LEU B 68 22.03 -4.28 8.53
C LEU B 68 22.41 -2.92 9.13
N TRP B 69 22.34 -2.81 10.45
CA TRP B 69 22.65 -1.56 11.12
C TRP B 69 24.10 -1.14 10.94
N ASP B 70 25.02 -2.11 11.04
CA ASP B 70 26.44 -1.82 10.89
C ASP B 70 26.78 -1.25 9.52
N GLN B 71 26.07 -1.72 8.50
CA GLN B 71 26.31 -1.27 7.12
C GLN B 71 25.56 0.01 6.78
N SER B 72 24.58 0.36 7.60
CA SER B 72 23.63 1.41 7.24
C SER B 72 23.81 2.73 7.98
N LEU B 73 23.92 2.66 9.30
CA LEU B 73 23.99 3.88 10.11
C LEU B 73 25.38 4.48 10.11
N GLN B 74 25.44 5.80 9.98
CA GLN B 74 26.72 6.51 9.86
C GLN B 74 26.86 7.60 10.91
N PRO B 75 27.31 7.23 12.12
CA PRO B 75 27.57 8.20 13.18
C PRO B 75 28.82 9.02 12.90
N CYS B 76 28.90 10.22 13.45
CA CYS B 76 30.09 11.06 13.30
C CYS B 76 31.29 10.43 14.00
N VAL B 77 31.04 9.84 15.16
CA VAL B 77 32.09 9.19 15.92
C VAL B 77 31.55 7.93 16.62
N LYS B 78 32.34 6.86 16.60
CA LYS B 78 31.99 5.65 17.31
C LYS B 78 33.04 5.33 18.35
N LEU B 79 32.61 5.16 19.59
CA LEU B 79 33.51 4.86 20.69
C LEU B 79 33.35 3.41 21.10
N THR B 80 34.24 2.55 20.63
CA THR B 80 34.13 1.11 20.85
C THR B 80 35.48 0.45 21.11
N GLY B 81 35.53 -0.37 22.15
CA GLY B 81 36.73 -1.12 22.48
C GLY B 81 37.93 -0.26 22.87
N GLY B 82 37.66 0.98 23.24
CA GLY B 82 38.73 1.90 23.63
C GLY B 82 39.26 2.70 22.47
N SER B 83 38.65 2.53 21.30
CA SER B 83 39.06 3.26 20.10
C SER B 83 38.07 4.36 19.74
N VAL B 84 38.56 5.40 19.10
CA VAL B 84 37.73 6.52 18.67
C VAL B 84 37.74 6.64 17.15
N ILE B 85 36.64 6.28 16.51
CA ILE B 85 36.55 6.30 15.06
C ILE B 85 35.71 7.47 14.56
N LYS B 86 36.37 8.45 13.95
CA LYS B 86 35.68 9.61 13.41
C LYS B 86 35.46 9.45 11.90
N GLN B 87 34.25 9.76 11.45
CA GLN B 87 33.91 9.62 10.04
C GLN B 87 32.78 10.57 9.66
N ALA B 88 32.46 10.61 8.36
CA ALA B 88 31.37 11.44 7.87
C ALA B 88 30.04 10.93 8.38
N CYS B 89 29.10 11.83 8.64
CA CYS B 89 27.80 11.45 9.16
C CYS B 89 26.65 12.04 8.35
N PRO B 90 26.50 11.62 7.09
CA PRO B 90 25.38 12.13 6.29
C PRO B 90 24.07 11.52 6.77
N LYS B 91 22.97 12.26 6.61
CA LYS B 91 21.66 11.76 6.99
C LYS B 91 21.23 10.65 6.05
N ILE B 92 20.53 9.66 6.58
CA ILE B 92 20.12 8.51 5.79
C ILE B 92 18.61 8.38 5.71
N SER B 93 18.15 7.54 4.77
CA SER B 93 16.74 7.20 4.68
C SER B 93 16.51 5.89 5.40
N PHE B 94 15.59 5.88 6.36
CA PHE B 94 15.43 4.76 7.28
C PHE B 94 13.96 4.45 7.55
N ASP B 95 13.51 3.27 7.12
CA ASP B 95 12.15 2.81 7.37
C ASP B 95 12.09 1.30 7.15
N PRO B 96 11.97 0.53 8.22
CA PRO B 96 12.00 -0.94 8.18
C PRO B 96 10.94 -1.54 7.26
N ILE B 97 11.33 -2.57 6.51
CA ILE B 97 10.40 -3.29 5.63
C ILE B 97 10.28 -4.73 6.09
N PRO B 98 9.19 -5.41 5.72
CA PRO B 98 9.01 -6.81 6.15
C PRO B 98 10.08 -7.74 5.59
N ILE B 99 10.58 -8.63 6.44
CA ILE B 99 11.56 -9.63 6.03
C ILE B 99 11.03 -11.02 6.33
N HIS B 100 11.10 -11.91 5.35
CA HIS B 100 10.67 -13.29 5.51
C HIS B 100 11.88 -14.20 5.69
N TYR B 101 11.80 -15.14 6.63
CA TYR B 101 12.89 -16.10 6.84
C TYR B 101 12.50 -17.48 6.34
N CYS B 102 13.36 -18.06 5.52
CA CYS B 102 13.03 -19.29 4.79
C CYS B 102 14.08 -20.38 4.95
N THR B 103 13.64 -21.63 4.86
CA THR B 103 14.53 -22.78 4.95
C THR B 103 15.03 -23.22 3.59
N PRO B 104 16.27 -23.74 3.53
CA PRO B 104 16.83 -24.29 2.29
C PRO B 104 16.28 -25.69 2.02
N ALA B 105 16.69 -26.29 0.90
CA ALA B 105 16.24 -27.62 0.53
C ALA B 105 16.62 -28.65 1.59
N GLY B 106 15.69 -29.55 1.89
CA GLY B 106 15.91 -30.58 2.89
C GLY B 106 15.42 -30.17 4.26
N TYR B 107 14.91 -28.94 4.36
CA TYR B 107 14.39 -28.41 5.61
C TYR B 107 13.03 -27.75 5.41
N VAL B 108 12.24 -27.70 6.47
CA VAL B 108 10.92 -27.10 6.44
C VAL B 108 10.58 -26.43 7.78
N ILE B 109 9.91 -25.28 7.72
CA ILE B 109 9.49 -24.60 8.94
C ILE B 109 8.12 -25.07 9.39
N LEU B 110 8.03 -25.55 10.64
CA LEU B 110 6.75 -25.93 11.21
C LEU B 110 6.13 -24.75 11.94
N LYS B 111 4.84 -24.52 11.72
CA LYS B 111 4.15 -23.37 12.28
C LYS B 111 3.02 -23.78 13.21
N CYS B 112 3.05 -23.28 14.44
CA CYS B 112 1.99 -23.54 15.40
C CYS B 112 0.81 -22.60 15.17
N ASN B 113 -0.38 -23.18 15.04
CA ASN B 113 -1.57 -22.39 14.73
C ASN B 113 -2.62 -22.38 15.83
N ASP B 114 -2.25 -22.87 17.01
CA ASP B 114 -3.16 -22.82 18.16
C ASP B 114 -3.36 -21.37 18.60
N LYS B 115 -4.61 -20.97 18.72
CA LYS B 115 -4.95 -19.58 19.04
C LYS B 115 -4.50 -19.16 20.44
N ASN B 116 -4.33 -20.13 21.32
CA ASN B 116 -3.95 -19.84 22.71
C ASN B 116 -2.50 -20.23 23.03
N PHE B 117 -1.71 -20.45 21.99
CA PHE B 117 -0.31 -20.86 22.16
C PHE B 117 0.51 -19.82 22.91
N ASN B 118 1.10 -20.23 24.03
CA ASN B 118 1.82 -19.31 24.90
C ASN B 118 3.31 -19.13 24.56
N GLY B 119 3.82 -19.99 23.69
CA GLY B 119 5.22 -19.91 23.28
C GLY B 119 6.00 -21.19 23.49
N THR B 120 5.63 -21.95 24.53
CA THR B 120 6.30 -23.20 24.83
C THR B 120 5.31 -24.35 24.96
N GLY B 121 5.79 -25.58 24.78
CA GLY B 121 4.95 -26.74 24.94
C GLY B 121 4.44 -27.31 23.63
N PRO B 122 3.43 -28.19 23.70
CA PRO B 122 2.87 -28.87 22.54
C PRO B 122 1.91 -28.00 21.75
N CYS B 123 1.75 -28.31 20.47
CA CYS B 123 0.82 -27.59 19.60
C CYS B 123 -0.01 -28.60 18.79
N LYS B 124 -1.33 -28.45 18.84
CA LYS B 124 -2.22 -29.40 18.19
C LYS B 124 -2.44 -29.08 16.72
N ASN B 125 -2.56 -27.80 16.39
CA ASN B 125 -2.73 -27.37 15.00
C ASN B 125 -1.42 -26.93 14.40
N VAL B 126 -0.71 -27.87 13.79
CA VAL B 126 0.61 -27.58 13.20
C VAL B 126 0.55 -27.64 11.68
N SER B 127 1.16 -26.63 11.04
CA SER B 127 1.27 -26.61 9.59
C SER B 127 2.72 -26.46 9.16
N SER B 128 3.00 -26.75 7.89
CA SER B 128 4.35 -26.63 7.37
C SER B 128 4.44 -25.49 6.35
N VAL B 129 5.42 -24.62 6.52
CA VAL B 129 5.62 -23.50 5.62
C VAL B 129 7.06 -23.43 5.13
N GLN B 130 7.28 -22.77 4.01
CA GLN B 130 8.63 -22.58 3.47
C GLN B 130 9.25 -21.30 3.99
N CYS B 131 8.41 -20.33 4.34
CA CYS B 131 8.88 -19.06 4.87
C CYS B 131 7.97 -18.56 5.99
N THR B 132 8.51 -17.72 6.86
CA THR B 132 7.71 -17.08 7.89
C THR B 132 6.96 -15.92 7.27
N HIS B 133 6.07 -15.31 8.05
CA HIS B 133 5.39 -14.10 7.62
C HIS B 133 6.40 -12.95 7.57
N GLY B 134 6.00 -11.84 6.97
CA GLY B 134 6.88 -10.68 6.86
C GLY B 134 7.06 -9.98 8.19
N ILE B 135 8.29 -9.97 8.68
CA ILE B 135 8.60 -9.37 9.98
C ILE B 135 9.47 -8.13 9.83
N LYS B 136 8.99 -7.00 10.32
CA LYS B 136 9.78 -5.77 10.31
C LYS B 136 10.78 -5.78 11.47
N PRO B 137 12.06 -5.57 11.15
CA PRO B 137 13.13 -5.56 12.16
C PRO B 137 13.15 -4.27 12.97
N VAL B 138 12.07 -4.02 13.71
CA VAL B 138 11.95 -2.80 14.49
C VAL B 138 12.71 -2.93 15.81
N VAL B 139 13.73 -2.10 15.98
CA VAL B 139 14.53 -2.11 17.21
C VAL B 139 13.97 -1.09 18.20
N SER B 140 13.42 -1.59 19.30
CA SER B 140 12.86 -0.72 20.32
C SER B 140 12.93 -1.36 21.70
N THR B 141 12.59 -0.57 22.72
CA THR B 141 12.54 -1.07 24.09
C THR B 141 11.16 -0.78 24.69
N GLN B 142 10.83 -1.51 25.75
CA GLN B 142 9.56 -1.36 26.47
C GLN B 142 8.32 -1.72 25.63
N LEU B 143 8.13 -1.04 24.51
CA LEU B 143 6.99 -1.28 23.65
C LEU B 143 7.39 -1.98 22.36
N LEU B 144 6.62 -2.99 21.96
CA LEU B 144 6.83 -3.66 20.69
C LEU B 144 5.99 -2.99 19.61
N LEU B 145 6.63 -2.53 18.55
CA LEU B 145 5.96 -1.71 17.54
C LEU B 145 5.85 -2.37 16.18
N ASN B 146 4.76 -2.07 15.47
CA ASN B 146 4.54 -2.54 14.10
C ASN B 146 4.66 -4.05 13.94
N GLY B 147 4.20 -4.80 14.94
CA GLY B 147 4.26 -6.24 14.90
C GLY B 147 2.92 -6.88 14.60
N SER B 148 2.81 -8.18 14.87
CA SER B 148 1.56 -8.90 14.67
C SER B 148 0.77 -8.97 15.98
N LEU B 149 -0.53 -9.22 15.85
CA LEU B 149 -1.41 -9.32 17.00
C LEU B 149 -1.85 -10.77 17.23
N ALA B 150 -2.19 -11.08 18.48
CA ALA B 150 -2.79 -12.37 18.79
C ALA B 150 -4.22 -12.38 18.26
N GLU B 151 -4.63 -13.50 17.66
CA GLU B 151 -5.92 -13.56 16.98
C GLU B 151 -7.13 -13.62 17.90
N GLU B 152 -6.94 -14.13 19.12
CA GLU B 152 -8.05 -14.23 20.06
C GLU B 152 -7.80 -13.47 21.37
N GLU B 153 -7.42 -14.19 22.42
CA GLU B 153 -7.17 -13.56 23.71
C GLU B 153 -5.75 -13.02 23.82
N ILE B 154 -5.54 -12.12 24.77
CA ILE B 154 -4.21 -11.59 25.05
C ILE B 154 -3.33 -12.71 25.61
N ILE B 155 -2.13 -12.86 25.05
CA ILE B 155 -1.24 -13.95 25.44
C ILE B 155 -0.06 -13.46 26.28
N ILE B 156 0.19 -14.14 27.39
CA ILE B 156 1.35 -13.86 28.24
C ILE B 156 2.45 -14.88 27.97
N ARG B 157 3.63 -14.40 27.58
CA ARG B 157 4.73 -15.29 27.23
C ARG B 157 5.91 -15.13 28.17
N SER B 158 6.44 -16.25 28.65
CA SER B 158 7.60 -16.26 29.53
C SER B 158 8.22 -17.65 29.59
N GLU B 159 9.55 -17.70 29.66
CA GLU B 159 10.26 -18.97 29.78
C GLU B 159 9.99 -19.60 31.14
N ASN B 160 9.74 -18.75 32.13
CA ASN B 160 9.46 -19.19 33.49
C ASN B 160 8.82 -18.05 34.27
N LEU B 161 7.48 -18.03 34.29
CA LEU B 161 6.73 -16.97 34.95
C LEU B 161 7.05 -16.87 36.44
N THR B 162 7.27 -18.01 37.08
CA THR B 162 7.61 -18.04 38.50
C THR B 162 8.99 -17.44 38.72
N ASN B 163 9.83 -17.48 37.68
CA ASN B 163 11.15 -16.84 37.73
C ASN B 163 11.02 -15.36 37.33
N ASN B 164 11.15 -14.48 38.32
CA ASN B 164 10.99 -13.06 38.09
C ASN B 164 12.08 -12.46 37.20
N ALA B 165 13.19 -13.19 37.05
CA ALA B 165 14.32 -12.71 36.26
C ALA B 165 14.08 -12.89 34.76
N LYS B 166 13.08 -13.70 34.42
CA LYS B 166 12.75 -13.95 33.02
C LYS B 166 11.80 -12.89 32.47
N THR B 167 12.11 -12.40 31.27
CA THR B 167 11.33 -11.35 30.64
C THR B 167 9.95 -11.83 30.26
N ILE B 168 8.94 -11.01 30.54
CA ILE B 168 7.56 -11.31 30.13
C ILE B 168 7.21 -10.55 28.86
N ILE B 169 6.70 -11.28 27.87
CA ILE B 169 6.21 -10.65 26.65
C ILE B 169 4.70 -10.70 26.61
N VAL B 170 4.07 -9.53 26.55
CA VAL B 170 2.62 -9.44 26.41
C VAL B 170 2.26 -9.30 24.94
N HIS B 171 1.40 -10.18 24.45
CA HIS B 171 0.97 -10.12 23.05
C HIS B 171 -0.47 -9.62 22.98
N LEU B 172 -0.63 -8.38 22.52
CA LEU B 172 -1.95 -7.75 22.44
C LEU B 172 -2.80 -8.34 21.33
N ASN B 173 -4.11 -8.26 21.48
CA ASN B 173 -5.04 -8.72 20.44
C ASN B 173 -5.77 -7.55 19.79
N LYS B 174 -5.37 -6.34 20.17
CA LYS B 174 -5.89 -5.12 19.56
C LYS B 174 -4.82 -4.04 19.65
N SER B 175 -4.38 -3.55 18.51
CA SER B 175 -3.30 -2.58 18.45
C SER B 175 -3.76 -1.19 18.90
N VAL B 176 -2.83 -0.42 19.47
CA VAL B 176 -3.09 0.96 19.84
C VAL B 176 -2.02 1.84 19.22
N GLU B 177 -2.45 2.87 18.48
CA GLU B 177 -1.50 3.75 17.80
C GLU B 177 -0.73 4.64 18.77
N ILE B 178 0.57 4.77 18.53
CA ILE B 178 1.39 5.76 19.22
C ILE B 178 1.96 6.74 18.19
N ASN B 179 1.63 8.02 18.37
CA ASN B 179 1.94 9.04 17.37
C ASN B 179 3.03 9.98 17.85
N CYS B 180 4.25 9.75 17.38
CA CYS B 180 5.40 10.55 17.82
C CYS B 180 5.81 11.59 16.80
N THR B 181 6.03 12.82 17.27
CA THR B 181 6.29 13.95 16.38
C THR B 181 7.34 14.91 16.92
N ARG B 182 8.28 15.28 16.06
CA ARG B 182 9.14 16.43 16.31
C ARG B 182 8.67 17.52 15.35
N PRO B 183 7.93 18.51 15.88
CA PRO B 183 7.31 19.55 15.04
C PRO B 183 8.36 20.40 14.31
N SER B 184 7.97 20.95 13.16
CA SER B 184 8.87 21.75 12.35
C SER B 184 9.36 23.00 13.09
N ASN B 185 8.42 23.86 13.47
CA ASN B 185 8.75 25.07 14.21
C ASN B 185 8.27 25.02 15.65
N GLY B 192 12.37 26.99 18.78
CA GLY B 192 12.37 26.25 20.03
C GLY B 192 13.50 25.25 20.12
N ASP B 193 13.28 24.17 20.86
CA ASP B 193 14.28 23.12 21.02
C ASP B 193 14.12 22.05 19.97
N ILE B 194 15.12 21.92 19.10
CA ILE B 194 15.07 20.99 17.98
C ILE B 194 15.08 19.52 18.42
N ARG B 195 15.48 19.27 19.67
CA ARG B 195 15.54 17.91 20.17
C ARG B 195 14.31 17.53 20.98
N LYS B 196 13.39 18.47 21.15
CA LYS B 196 12.17 18.21 21.91
C LYS B 196 11.10 17.58 21.02
N ALA B 197 10.49 16.50 21.49
CA ALA B 197 9.44 15.82 20.75
C ALA B 197 8.39 15.25 21.71
N TYR B 198 7.37 14.61 21.16
CA TYR B 198 6.30 14.04 21.98
C TYR B 198 5.60 12.88 21.27
N CYS B 199 5.03 11.98 22.07
CA CYS B 199 4.23 10.88 21.55
C CYS B 199 2.79 10.99 22.06
N GLU B 200 1.83 10.81 21.16
CA GLU B 200 0.42 10.88 21.53
C GLU B 200 -0.25 9.52 21.44
N ILE B 201 -1.01 9.17 22.48
CA ILE B 201 -1.73 7.91 22.52
C ILE B 201 -3.16 8.13 23.01
N ASN B 202 -4.13 7.50 22.35
CA ASN B 202 -5.52 7.60 22.77
C ASN B 202 -5.73 6.92 24.13
N GLY B 203 -6.07 7.72 25.13
CA GLY B 203 -6.28 7.21 26.48
C GLY B 203 -7.47 6.30 26.63
N THR B 204 -8.50 6.52 25.82
CA THR B 204 -9.70 5.70 25.87
C THR B 204 -9.46 4.30 25.32
N LYS B 205 -8.61 4.21 24.31
CA LYS B 205 -8.25 2.91 23.77
C LYS B 205 -7.19 2.19 24.62
N TRP B 206 -6.23 2.95 25.14
CA TRP B 206 -5.06 2.37 25.83
C TRP B 206 -5.37 1.78 27.21
N ASN B 207 -5.95 2.58 28.10
CA ASN B 207 -6.33 2.12 29.44
C ASN B 207 -7.36 0.98 29.41
N LYS B 208 -8.11 0.87 28.32
CA LYS B 208 -9.04 -0.26 28.15
C LYS B 208 -8.24 -1.52 27.87
N VAL B 209 -7.29 -1.42 26.95
CA VAL B 209 -6.40 -2.53 26.61
C VAL B 209 -5.56 -2.92 27.81
N LEU B 210 -4.99 -1.92 28.47
CA LEU B 210 -4.11 -2.15 29.61
C LEU B 210 -4.86 -2.82 30.77
N LYS B 211 -6.16 -2.58 30.84
CA LYS B 211 -7.02 -3.23 31.83
C LYS B 211 -7.17 -4.71 31.50
N GLN B 212 -7.33 -5.01 30.21
CA GLN B 212 -7.45 -6.39 29.75
C GLN B 212 -6.16 -7.16 29.98
N VAL B 213 -5.03 -6.46 29.92
CA VAL B 213 -3.73 -7.07 30.18
C VAL B 213 -3.61 -7.47 31.64
N THR B 214 -4.03 -6.59 32.54
CA THR B 214 -3.97 -6.86 33.97
C THR B 214 -4.88 -8.02 34.35
N GLU B 215 -6.04 -8.10 33.72
CA GLU B 215 -7.00 -9.17 33.98
C GLU B 215 -6.46 -10.51 33.50
N LYS B 216 -5.58 -10.49 32.51
CA LYS B 216 -4.95 -11.70 32.02
C LYS B 216 -3.79 -12.09 32.92
N LEU B 217 -3.13 -11.09 33.50
CA LEU B 217 -2.05 -11.33 34.44
C LEU B 217 -2.59 -11.90 35.75
N LYS B 218 -3.83 -11.57 36.08
CA LYS B 218 -4.47 -12.10 37.27
C LYS B 218 -4.72 -13.60 37.13
N GLU B 219 -4.95 -14.05 35.89
CA GLU B 219 -5.17 -15.47 35.62
C GLU B 219 -3.94 -16.30 35.98
N HIS B 220 -2.76 -15.78 35.67
CA HIS B 220 -1.52 -16.50 35.91
C HIS B 220 -1.00 -16.32 37.34
N PHE B 221 -1.42 -15.25 38.00
CA PHE B 221 -0.92 -14.94 39.33
C PHE B 221 -1.99 -14.97 40.41
N ASN B 222 -2.97 -15.86 40.24
CA ASN B 222 -3.97 -16.15 41.27
C ASN B 222 -4.75 -14.93 41.79
N ASN B 223 -5.27 -14.13 40.87
CA ASN B 223 -6.12 -12.98 41.21
C ASN B 223 -5.48 -11.96 42.15
N LYS B 224 -4.15 -11.92 42.18
CA LYS B 224 -3.45 -10.97 43.03
C LYS B 224 -3.48 -9.57 42.42
N THR B 225 -3.14 -8.57 43.24
CA THR B 225 -3.15 -7.19 42.80
C THR B 225 -2.01 -6.89 41.84
N ILE B 226 -2.35 -6.41 40.64
CA ILE B 226 -1.35 -6.08 39.63
C ILE B 226 -1.05 -4.59 39.62
N ILE B 227 0.21 -4.24 39.84
CA ILE B 227 0.63 -2.85 39.93
C ILE B 227 1.77 -2.54 38.96
N PHE B 228 1.66 -1.43 38.24
CA PHE B 228 2.73 -0.99 37.34
C PHE B 228 3.60 0.08 37.98
N GLN B 229 4.90 -0.02 37.72
CA GLN B 229 5.87 0.96 38.22
C GLN B 229 6.90 1.25 37.15
N PRO B 230 7.47 2.47 37.15
CA PRO B 230 8.53 2.81 36.21
C PRO B 230 9.79 1.98 36.46
N PRO B 231 10.66 1.83 35.46
CA PRO B 231 11.91 1.08 35.60
C PRO B 231 12.74 1.55 36.79
N SER B 232 13.33 0.60 37.52
CA SER B 232 14.08 0.93 38.73
C SER B 232 15.38 1.68 38.44
N GLY B 233 15.98 1.39 37.30
CA GLY B 233 17.22 2.05 36.91
C GLY B 233 17.85 1.45 35.68
N GLY B 234 18.96 2.03 35.24
CA GLY B 234 19.67 1.55 34.06
C GLY B 234 19.91 2.66 33.05
N ASP B 235 20.39 2.28 31.87
CA ASP B 235 20.65 3.24 30.81
C ASP B 235 19.35 3.87 30.32
N LEU B 236 19.45 5.02 29.64
CA LEU B 236 18.29 5.72 29.14
C LEU B 236 17.52 4.91 28.10
N GLU B 237 18.23 4.04 27.39
CA GLU B 237 17.61 3.18 26.39
C GLU B 237 16.64 2.19 27.04
N ILE B 238 16.90 1.88 28.31
CA ILE B 238 16.10 0.92 29.04
C ILE B 238 14.99 1.59 29.85
N THR B 239 15.33 2.66 30.55
CA THR B 239 14.38 3.35 31.41
C THR B 239 13.34 4.13 30.61
N MET B 240 13.63 4.36 29.34
CA MET B 240 12.70 5.06 28.46
C MET B 240 12.37 4.19 27.25
N HIS B 241 11.26 4.50 26.61
CA HIS B 241 10.89 3.86 25.35
C HIS B 241 11.77 4.45 24.25
N SER B 242 12.75 3.68 23.80
CA SER B 242 13.68 4.15 22.79
C SER B 242 13.45 3.44 21.46
N PHE B 243 13.55 4.21 20.37
CA PHE B 243 13.30 3.68 19.03
C PHE B 243 13.91 4.63 18.01
N ASN B 244 13.96 4.18 16.76
CA ASN B 244 14.49 5.02 15.69
C ASN B 244 13.42 5.47 14.72
N CYS B 245 13.31 6.78 14.55
CA CYS B 245 12.30 7.38 13.68
C CYS B 245 12.96 8.26 12.62
N ARG B 246 12.85 7.83 11.36
CA ARG B 246 13.44 8.53 10.22
C ARG B 246 14.95 8.74 10.38
N GLY B 247 15.62 7.80 11.02
CA GLY B 247 17.05 7.89 11.22
C GLY B 247 17.43 8.53 12.54
N GLU B 248 16.45 9.12 13.23
CA GLU B 248 16.68 9.83 14.48
C GLU B 248 16.38 8.94 15.69
N PHE B 249 17.18 9.09 16.74
CA PHE B 249 17.01 8.26 17.94
C PHE B 249 16.13 8.93 18.99
N PHE B 250 14.90 8.44 19.12
CA PHE B 250 13.94 8.97 20.07
C PHE B 250 14.02 8.27 21.42
N TYR B 251 13.85 9.05 22.49
CA TYR B 251 13.80 8.53 23.84
C TYR B 251 12.55 9.11 24.51
N CYS B 252 11.59 8.24 24.85
CA CYS B 252 10.32 8.72 25.37
C CYS B 252 9.99 8.20 26.78
N ASN B 253 9.49 9.09 27.62
CA ASN B 253 9.12 8.76 29.00
C ASN B 253 7.73 8.13 29.06
N THR B 254 7.67 6.90 29.56
CA THR B 254 6.42 6.14 29.55
C THR B 254 5.70 6.10 30.90
N THR B 255 6.02 7.04 31.79
CA THR B 255 5.39 7.10 33.10
C THR B 255 3.87 7.20 32.99
N GLN B 256 3.39 8.04 32.09
CA GLN B 256 1.96 8.28 31.94
C GLN B 256 1.24 7.13 31.23
N LEU B 257 2.00 6.29 30.54
CA LEU B 257 1.41 5.13 29.85
C LEU B 257 0.91 4.07 30.82
N PHE B 258 1.57 3.97 31.97
CA PHE B 258 1.21 2.95 32.96
C PHE B 258 0.71 3.57 34.25
N ASN B 259 -0.37 4.36 34.15
CA ASN B 259 -0.99 4.97 35.31
C ASN B 259 -2.05 4.04 35.91
N ASN B 260 -1.78 3.55 37.11
CA ASN B 260 -2.64 2.56 37.75
C ASN B 260 -4.07 3.03 38.02
N THR B 261 -4.25 4.33 38.18
CA THR B 261 -5.56 4.90 38.45
C THR B 261 -6.42 4.99 37.19
N CYS B 262 -5.77 5.24 36.06
CA CYS B 262 -6.49 5.38 34.79
C CYS B 262 -6.89 4.03 34.22
N ILE B 263 -6.17 2.98 34.61
CA ILE B 263 -6.45 1.64 34.12
C ILE B 263 -7.81 1.13 34.58
N ASN B 272 -8.98 10.02 30.08
CA ASN B 272 -9.70 9.49 28.94
C ASN B 272 -9.30 10.19 27.64
N GLY B 273 -8.59 11.30 27.78
CA GLY B 273 -8.16 12.08 26.63
C GLY B 273 -6.84 11.59 26.07
N THR B 274 -6.17 12.45 25.32
CA THR B 274 -4.91 12.09 24.69
C THR B 274 -3.77 12.06 25.70
N ILE B 275 -3.06 10.93 25.74
CA ILE B 275 -1.89 10.79 26.58
C ILE B 275 -0.67 11.32 25.84
N THR B 276 0.00 12.31 26.42
CA THR B 276 1.17 12.92 25.77
C THR B 276 2.45 12.59 26.53
N LEU B 277 3.33 11.81 25.89
CA LEU B 277 4.60 11.45 26.48
C LEU B 277 5.70 12.40 26.02
N PRO B 278 6.45 12.97 26.97
CA PRO B 278 7.58 13.83 26.60
C PRO B 278 8.73 13.01 26.03
N CYS B 279 9.29 13.46 24.90
CA CYS B 279 10.37 12.74 24.26
C CYS B 279 11.55 13.65 23.96
N LYS B 280 12.70 13.05 23.69
CA LYS B 280 13.85 13.80 23.23
C LYS B 280 14.65 13.01 22.19
N ILE B 281 15.17 13.71 21.19
CA ILE B 281 16.04 13.10 20.20
C ILE B 281 17.48 13.26 20.66
N LYS B 282 18.19 12.15 20.81
CA LYS B 282 19.54 12.18 21.33
C LYS B 282 20.59 11.91 20.25
N GLN B 283 21.67 12.68 20.27
CA GLN B 283 22.77 12.49 19.34
C GLN B 283 23.72 11.41 19.84
N ILE B 284 23.94 11.41 21.16
CA ILE B 284 24.84 10.44 21.78
C ILE B 284 24.03 9.29 22.36
N ILE B 285 24.29 8.08 21.87
CA ILE B 285 23.51 6.91 22.26
C ILE B 285 24.40 5.74 22.67
N ASN B 286 23.82 4.81 23.42
CA ASN B 286 24.44 3.52 23.65
C ASN B 286 23.99 2.56 22.57
N MET B 287 24.94 1.95 21.87
CA MET B 287 24.62 1.05 20.77
C MET B 287 24.00 -0.24 21.28
N TRP B 288 22.85 -0.60 20.72
CA TRP B 288 22.14 -1.80 21.14
C TRP B 288 22.90 -3.07 20.80
N GLN B 289 23.79 -2.98 19.81
CA GLN B 289 24.63 -4.11 19.43
C GLN B 289 25.55 -4.49 20.58
N GLY B 290 25.76 -3.56 21.50
CA GLY B 290 26.61 -3.80 22.66
C GLY B 290 28.08 -3.63 22.34
N THR B 291 28.38 -2.72 21.42
CA THR B 291 29.75 -2.50 20.97
C THR B 291 30.35 -1.24 21.60
N GLY B 292 29.51 -0.27 21.91
CA GLY B 292 29.98 0.95 22.57
C GLY B 292 29.00 2.09 22.52
N GLN B 293 29.51 3.30 22.33
CA GLN B 293 28.67 4.49 22.20
C GLN B 293 28.88 5.13 20.82
N ALA B 294 27.88 5.90 20.38
CA ALA B 294 27.98 6.57 19.09
C ALA B 294 27.35 7.95 19.16
N MET B 295 27.87 8.88 18.35
CA MET B 295 27.30 10.22 18.28
C MET B 295 26.90 10.57 16.86
N TYR B 296 25.69 11.10 16.71
CA TYR B 296 25.17 11.47 15.40
C TYR B 296 24.97 12.97 15.31
N ALA B 297 24.70 13.45 14.10
CA ALA B 297 24.45 14.86 13.88
C ALA B 297 23.09 15.25 14.44
N PRO B 298 22.87 16.55 14.70
CA PRO B 298 21.56 17.06 15.12
C PRO B 298 20.45 16.67 14.15
N PRO B 299 19.19 16.63 14.62
CA PRO B 299 18.06 16.15 13.81
C PRO B 299 17.89 16.91 12.51
N ILE B 300 17.31 16.25 11.51
CA ILE B 300 17.01 16.87 10.23
C ILE B 300 16.00 18.01 10.40
N ASP B 301 15.90 18.86 9.39
CA ASP B 301 14.96 19.97 9.42
C ASP B 301 13.53 19.49 9.14
N GLY B 302 12.56 20.27 9.57
CA GLY B 302 11.17 20.00 9.26
C GLY B 302 10.46 19.05 10.22
N LYS B 303 9.22 18.73 9.88
CA LYS B 303 8.40 17.85 10.70
C LYS B 303 8.85 16.40 10.63
N ILE B 304 9.15 15.81 11.78
CA ILE B 304 9.54 14.41 11.87
C ILE B 304 8.45 13.64 12.57
N ASN B 305 7.87 12.66 11.88
CA ASN B 305 6.70 11.95 12.42
C ASN B 305 6.72 10.44 12.18
N CYS B 306 6.46 9.70 13.24
CA CYS B 306 6.34 8.24 13.17
C CYS B 306 5.10 7.77 13.92
N VAL B 307 4.16 7.18 13.20
CA VAL B 307 2.97 6.58 13.81
C VAL B 307 3.09 5.07 13.80
N SER B 308 3.14 4.48 14.98
CA SER B 308 3.33 3.03 15.11
C SER B 308 2.19 2.37 15.85
N ASN B 309 1.96 1.09 15.54
CA ASN B 309 1.01 0.29 16.29
C ASN B 309 1.73 -0.41 17.45
N ILE B 310 1.23 -0.19 18.67
CA ILE B 310 1.74 -0.93 19.81
C ILE B 310 1.06 -2.29 19.83
N THR B 311 1.83 -3.33 19.53
CA THR B 311 1.27 -4.68 19.40
C THR B 311 1.75 -5.60 20.51
N GLY B 312 2.69 -5.11 21.32
CA GLY B 312 3.25 -5.90 22.40
C GLY B 312 3.89 -5.05 23.47
N ILE B 313 4.06 -5.63 24.65
CA ILE B 313 4.67 -4.95 25.78
C ILE B 313 5.70 -5.85 26.46
N LEU B 314 6.89 -5.31 26.71
CA LEU B 314 7.92 -6.03 27.43
C LEU B 314 7.89 -5.66 28.92
N LEU B 315 7.75 -6.66 29.77
CA LEU B 315 7.62 -6.41 31.21
C LEU B 315 8.62 -7.22 32.03
N THR B 316 8.97 -6.69 33.19
CA THR B 316 9.79 -7.41 34.16
C THR B 316 9.14 -7.34 35.53
N ARG B 317 8.91 -8.51 36.12
CA ARG B 317 8.22 -8.59 37.42
C ARG B 317 9.19 -8.49 38.58
N ASP B 318 8.82 -7.73 39.60
CA ASP B 318 9.65 -7.56 40.79
C ASP B 318 9.77 -8.84 41.61
N GLY B 319 10.93 -9.04 42.21
CA GLY B 319 11.15 -10.18 43.09
C GLY B 319 10.89 -9.82 44.53
N GLY B 320 10.73 -10.84 45.38
CA GLY B 320 10.46 -10.63 46.79
C GLY B 320 9.08 -10.05 47.03
N ALA B 321 8.07 -10.67 46.44
CA ALA B 321 6.70 -10.21 46.59
C ALA B 321 5.77 -11.38 46.91
N ASN B 322 6.34 -12.54 47.17
CA ASN B 322 5.56 -13.72 47.50
C ASN B 322 4.99 -13.69 48.92
N ASN B 323 5.40 -12.69 49.70
CA ASN B 323 4.86 -12.50 51.04
C ASN B 323 3.77 -11.43 51.05
N THR B 324 3.84 -10.50 50.12
CA THR B 324 2.87 -9.41 50.02
C THR B 324 1.69 -9.83 49.15
N SER B 325 0.66 -9.00 49.12
CA SER B 325 -0.54 -9.29 48.32
C SER B 325 -0.46 -8.62 46.96
N ASN B 326 0.74 -8.18 46.59
CA ASN B 326 0.93 -7.46 45.33
C ASN B 326 1.89 -8.14 44.37
N GLU B 327 1.77 -7.81 43.09
CA GLU B 327 2.74 -8.21 42.09
C GLU B 327 3.05 -7.02 41.20
N THR B 328 4.30 -6.57 41.23
CA THR B 328 4.71 -5.34 40.57
C THR B 328 5.41 -5.60 39.23
N PHE B 329 4.97 -4.89 38.19
CA PHE B 329 5.55 -5.03 36.87
C PHE B 329 6.12 -3.71 36.36
N ARG B 330 7.26 -3.78 35.69
CA ARG B 330 7.90 -2.60 35.14
C ARG B 330 8.25 -2.83 33.68
N PRO B 331 8.11 -1.79 32.84
CA PRO B 331 8.43 -1.91 31.42
C PRO B 331 9.91 -2.22 31.20
N GLY B 332 10.19 -3.43 30.72
CA GLY B 332 11.56 -3.87 30.53
C GLY B 332 12.17 -3.41 29.22
N GLY B 333 12.57 -4.36 28.38
CA GLY B 333 13.19 -4.06 27.11
C GLY B 333 14.70 -4.01 27.20
N GLY B 334 15.36 -4.01 26.06
CA GLY B 334 16.81 -3.97 26.01
C GLY B 334 17.39 -5.16 25.28
N ASN B 335 17.11 -6.35 25.77
CA ASN B 335 17.51 -7.57 25.08
C ASN B 335 16.77 -7.64 23.75
N ILE B 336 17.38 -7.09 22.71
CA ILE B 336 16.73 -6.92 21.42
C ILE B 336 16.25 -8.23 20.81
N LYS B 337 16.87 -9.34 21.19
CA LYS B 337 16.44 -10.65 20.72
C LYS B 337 15.00 -10.96 21.13
N ASP B 338 14.55 -10.37 22.24
CA ASP B 338 13.17 -10.53 22.68
C ASP B 338 12.18 -9.98 21.65
N ASN B 339 12.59 -8.93 20.94
CA ASN B 339 11.76 -8.36 19.89
C ASN B 339 11.49 -9.37 18.78
N TRP B 340 12.51 -10.13 18.40
CA TRP B 340 12.36 -11.12 17.34
C TRP B 340 11.56 -12.33 17.82
N ARG B 341 11.70 -12.65 19.10
CA ARG B 341 10.96 -13.75 19.70
C ARG B 341 9.46 -13.51 19.66
N SER B 342 9.07 -12.24 19.75
CA SER B 342 7.66 -11.88 19.77
C SER B 342 6.97 -12.17 18.44
N GLU B 343 7.76 -12.40 17.40
CA GLU B 343 7.23 -12.73 16.08
C GLU B 343 7.57 -14.15 15.65
N LEU B 344 8.70 -14.66 16.13
CA LEU B 344 9.19 -15.97 15.72
C LEU B 344 8.76 -17.10 16.65
N TYR B 345 7.89 -16.77 17.61
CA TYR B 345 7.49 -17.72 18.65
C TYR B 345 6.79 -18.96 18.12
N LYS B 346 6.12 -18.84 16.98
CA LYS B 346 5.29 -19.93 16.46
C LYS B 346 5.99 -20.77 15.40
N TYR B 347 7.28 -20.51 15.16
CA TYR B 347 8.01 -21.25 14.15
C TYR B 347 9.15 -22.07 14.74
N LYS B 348 9.50 -23.15 14.06
CA LYS B 348 10.70 -23.92 14.39
C LYS B 348 11.19 -24.68 13.17
N VAL B 349 12.51 -24.86 13.08
CA VAL B 349 13.11 -25.52 11.93
C VAL B 349 13.27 -27.02 12.16
N VAL B 350 12.80 -27.82 11.21
CA VAL B 350 12.98 -29.27 11.26
C VAL B 350 13.65 -29.77 9.99
N GLN B 351 14.33 -30.91 10.10
CA GLN B 351 15.03 -31.49 8.96
C GLN B 351 14.28 -32.71 8.43
N ILE B 352 14.04 -32.73 7.11
CA ILE B 352 13.35 -33.83 6.47
C ILE B 352 14.33 -34.91 6.00
N GLU B 353 13.98 -36.17 6.24
CA GLU B 353 14.79 -37.28 5.77
C GLU B 353 13.92 -38.39 5.18
#